data_8FEP
# 
_entry.id   8FEP 
# 
_audit_conform.dict_name       mmcif_pdbx.dic 
_audit_conform.dict_version    5.387 
_audit_conform.dict_location   http://mmcif.pdb.org/dictionaries/ascii/mmcif_pdbx.dic 
# 
loop_
_database_2.database_id 
_database_2.database_code 
_database_2.pdbx_database_accession 
_database_2.pdbx_DOI 
PDB   8FEP         pdb_00008fep 10.2210/pdb8fep/pdb 
WWPDB D_1000270469 ?            ?                   
# 
loop_
_pdbx_audit_revision_history.ordinal 
_pdbx_audit_revision_history.data_content_type 
_pdbx_audit_revision_history.major_revision 
_pdbx_audit_revision_history.minor_revision 
_pdbx_audit_revision_history.revision_date 
1 'Structure model' 1 0 2024-01-24 
2 'Structure model' 1 1 2024-01-31 
3 'Structure model' 1 2 2024-02-14 
4 'Structure model' 1 3 2024-02-21 
# 
_pdbx_audit_revision_details.ordinal             1 
_pdbx_audit_revision_details.revision_ordinal    1 
_pdbx_audit_revision_details.data_content_type   'Structure model' 
_pdbx_audit_revision_details.provider            repository 
_pdbx_audit_revision_details.type                'Initial release' 
_pdbx_audit_revision_details.description         ? 
_pdbx_audit_revision_details.details             ? 
# 
loop_
_pdbx_audit_revision_group.ordinal 
_pdbx_audit_revision_group.revision_ordinal 
_pdbx_audit_revision_group.data_content_type 
_pdbx_audit_revision_group.group 
1 2 'Structure model' 'Database references' 
2 3 'Structure model' 'Database references' 
3 4 'Structure model' 'Database references' 
# 
loop_
_pdbx_audit_revision_category.ordinal 
_pdbx_audit_revision_category.revision_ordinal 
_pdbx_audit_revision_category.data_content_type 
_pdbx_audit_revision_category.category 
1 2 'Structure model' citation        
2 2 'Structure model' citation_author 
3 3 'Structure model' citation        
4 3 'Structure model' citation_author 
5 4 'Structure model' citation        
# 
loop_
_pdbx_audit_revision_item.ordinal 
_pdbx_audit_revision_item.revision_ordinal 
_pdbx_audit_revision_item.data_content_type 
_pdbx_audit_revision_item.item 
1  2 'Structure model' '_citation.title'                   
2  3 'Structure model' '_citation.country'                 
3  3 'Structure model' '_citation.journal_abbrev'          
4  3 'Structure model' '_citation.journal_id_ASTM'         
5  3 'Structure model' '_citation.journal_id_CSD'          
6  3 'Structure model' '_citation.journal_id_ISSN'         
7  3 'Structure model' '_citation.pdbx_database_id_DOI'    
8  3 'Structure model' '_citation.pdbx_database_id_PubMed' 
9  3 'Structure model' '_citation.title'                   
10 3 'Structure model' '_citation.year'                    
11 3 'Structure model' '_citation_author.identifier_ORCID' 
12 3 'Structure model' '_citation_author.name'             
13 4 'Structure model' '_citation.journal_volume'          
14 4 'Structure model' '_citation.page_first'              
15 4 'Structure model' '_citation.page_last'               
# 
_pdbx_database_status.status_code                     REL 
_pdbx_database_status.status_code_sf                  REL 
_pdbx_database_status.status_code_mr                  ? 
_pdbx_database_status.entry_id                        8FEP 
_pdbx_database_status.recvd_initial_deposition_date   2022-12-06 
_pdbx_database_status.SG_entry                        N 
_pdbx_database_status.deposit_site                    RCSB 
_pdbx_database_status.process_site                    RCSB 
_pdbx_database_status.status_code_cs                  ? 
_pdbx_database_status.status_code_nmr_data            ? 
_pdbx_database_status.methods_development_category    ? 
_pdbx_database_status.pdb_format_compatible           N 
# 
_pdbx_contact_author.id                 3 
_pdbx_contact_author.email              jwszostak@uchicago.edu 
_pdbx_contact_author.name_first         Jack 
_pdbx_contact_author.name_last          Szostak 
_pdbx_contact_author.name_mi            W. 
_pdbx_contact_author.role               'principal investigator/group leader' 
_pdbx_contact_author.identifier_ORCID   0000-0003-4131-1203 
# 
loop_
_audit_author.name 
_audit_author.pdbx_ordinal 
_audit_author.identifier_ORCID 
'Fang, Z.'      1 0000-0001-8679-6633 
'Szostak, J.W.' 2 0000-0003-4131-1203 
# 
_citation.abstract                  ? 
_citation.abstract_id_CAS           ? 
_citation.book_id_ISBN              ? 
_citation.book_publisher            ? 
_citation.book_publisher_city       ? 
_citation.book_title                ? 
_citation.coordinate_linkage        ? 
_citation.country                   US 
_citation.database_id_Medline       ? 
_citation.details                   ? 
_citation.id                        primary 
_citation.journal_abbrev            J.Am.Chem.Soc. 
_citation.journal_id_ASTM           JACSAT 
_citation.journal_id_CSD            ? 
_citation.journal_id_ISSN           1520-5126 
_citation.journal_full              ? 
_citation.journal_issue             ? 
_citation.journal_volume            146 
_citation.language                  ? 
_citation.page_first                3861 
_citation.page_last                 3871 
_citation.title                     
'Unusual Base Pair between Two 2-Thiouridines and Its Implication for Nonenzymatic RNA Copying.' 
_citation.year                      2024 
_citation.database_id_CSD           ? 
_citation.pdbx_database_id_DOI      10.1021/jacs.3c11158 
_citation.pdbx_database_id_PubMed   38293747 
_citation.pdbx_database_id_patent   ? 
_citation.unpublished_flag          ? 
# 
loop_
_citation_author.citation_id 
_citation_author.name 
_citation_author.ordinal 
_citation_author.identifier_ORCID 
primary 'Ding, D.'         1 0000-0001-9046-7816 
primary 'Fang, Z.'         2 0000-0001-8679-6633 
primary 'Kim, S.C.'        3 0000-0002-2230-1774 
primary 
;O'Flaherty, D.K.
;
4 0000-0003-3693-6380 
primary 'Jia, X.'          5 0000-0001-9094-9882 
primary 'Stone, T.B.'      6 ?                   
primary 'Zhou, L.'         7 0000-0002-0393-4787 
primary 'Szostak, J.W.'    8 0000-0003-4131-1203 
# 
loop_
_entity.id 
_entity.type 
_entity.src_method 
_entity.pdbx_description 
_entity.formula_weight 
_entity.pdbx_number_of_molecules 
_entity.pdbx_ec 
_entity.pdbx_mutation 
_entity.pdbx_fragment 
_entity.details 
1 polymer syn 'RNA 16mer' 5060.023 1  ? ? ? ? 
2 water   nat water       18.015   55 ? ? ? ? 
# 
_entity_poly.entity_id                      1 
_entity_poly.type                           polyribonucleotide 
_entity_poly.nstd_linkage                   no 
_entity_poly.nstd_monomer                   no 
_entity_poly.pdbx_seq_one_letter_code       AGAGAAGUUCUUCUCU 
_entity_poly.pdbx_seq_one_letter_code_can   AGAGAAGUUCUUCUCU 
_entity_poly.pdbx_strand_id                 AAA 
_entity_poly.pdbx_target_identifier         ? 
# 
_pdbx_entity_nonpoly.entity_id   2 
_pdbx_entity_nonpoly.name        water 
_pdbx_entity_nonpoly.comp_id     HOH 
# 
loop_
_entity_poly_seq.entity_id 
_entity_poly_seq.num 
_entity_poly_seq.mon_id 
_entity_poly_seq.hetero 
1 1  A n 
1 2  G n 
1 3  A n 
1 4  G n 
1 5  A n 
1 6  A n 
1 7  G n 
1 8  U n 
1 9  U n 
1 10 C n 
1 11 U n 
1 12 U n 
1 13 C n 
1 14 U n 
1 15 C n 
1 16 U n 
# 
_pdbx_entity_src_syn.entity_id              1 
_pdbx_entity_src_syn.pdbx_src_id            1 
_pdbx_entity_src_syn.pdbx_alt_source_flag   sample 
_pdbx_entity_src_syn.pdbx_beg_seq_num       1 
_pdbx_entity_src_syn.pdbx_end_seq_num       16 
_pdbx_entity_src_syn.organism_scientific    'synthetic construct' 
_pdbx_entity_src_syn.organism_common_name   ? 
_pdbx_entity_src_syn.ncbi_taxonomy_id       32630 
_pdbx_entity_src_syn.details                ? 
# 
loop_
_chem_comp.id 
_chem_comp.type 
_chem_comp.mon_nstd_flag 
_chem_comp.name 
_chem_comp.pdbx_synonyms 
_chem_comp.formula 
_chem_comp.formula_weight 
A   'RNA linking' y "ADENOSINE-5'-MONOPHOSPHATE" ? 'C10 H14 N5 O7 P' 347.221 
C   'RNA linking' y "CYTIDINE-5'-MONOPHOSPHATE"  ? 'C9 H14 N3 O8 P'  323.197 
G   'RNA linking' y "GUANOSINE-5'-MONOPHOSPHATE" ? 'C10 H14 N5 O8 P' 363.221 
HOH non-polymer   . WATER                        ? 'H2 O'            18.015  
U   'RNA linking' y "URIDINE-5'-MONOPHOSPHATE"   ? 'C9 H13 N2 O9 P'  324.181 
# 
loop_
_pdbx_poly_seq_scheme.asym_id 
_pdbx_poly_seq_scheme.entity_id 
_pdbx_poly_seq_scheme.seq_id 
_pdbx_poly_seq_scheme.mon_id 
_pdbx_poly_seq_scheme.ndb_seq_num 
_pdbx_poly_seq_scheme.pdb_seq_num 
_pdbx_poly_seq_scheme.auth_seq_num 
_pdbx_poly_seq_scheme.pdb_mon_id 
_pdbx_poly_seq_scheme.auth_mon_id 
_pdbx_poly_seq_scheme.pdb_strand_id 
_pdbx_poly_seq_scheme.pdb_ins_code 
_pdbx_poly_seq_scheme.hetero 
A 1 1  A 1  1  1  A A AAA . n 
A 1 2  G 2  2  2  G G AAA . n 
A 1 3  A 3  3  3  A A AAA . n 
A 1 4  G 4  4  4  G G AAA . n 
A 1 5  A 5  5  5  A A AAA . n 
A 1 6  A 6  6  6  A A AAA . n 
A 1 7  G 7  7  7  G G AAA . n 
A 1 8  U 8  8  8  U U AAA . n 
A 1 9  U 9  9  9  U U AAA . n 
A 1 10 C 10 10 10 C C AAA . n 
A 1 11 U 11 11 11 U U AAA . n 
A 1 12 U 12 12 12 U U AAA . n 
A 1 13 C 13 13 13 C C AAA . n 
A 1 14 U 14 14 14 U U AAA . n 
A 1 15 C 15 15 15 C C AAA . n 
A 1 16 U 16 16 16 U U AAA . n 
# 
loop_
_pdbx_nonpoly_scheme.asym_id 
_pdbx_nonpoly_scheme.entity_id 
_pdbx_nonpoly_scheme.mon_id 
_pdbx_nonpoly_scheme.ndb_seq_num 
_pdbx_nonpoly_scheme.pdb_seq_num 
_pdbx_nonpoly_scheme.auth_seq_num 
_pdbx_nonpoly_scheme.pdb_mon_id 
_pdbx_nonpoly_scheme.auth_mon_id 
_pdbx_nonpoly_scheme.pdb_strand_id 
_pdbx_nonpoly_scheme.pdb_ins_code 
B 2 HOH 1  101 31 HOH HOH AAA . 
B 2 HOH 2  102 34 HOH HOH AAA . 
B 2 HOH 3  103 41 HOH HOH AAA . 
B 2 HOH 4  104 45 HOH HOH AAA . 
B 2 HOH 5  105 16 HOH HOH AAA . 
B 2 HOH 6  106 27 HOH HOH AAA . 
B 2 HOH 7  107 14 HOH HOH AAA . 
B 2 HOH 8  108 28 HOH HOH AAA . 
B 2 HOH 9  109 29 HOH HOH AAA . 
B 2 HOH 10 110 43 HOH HOH AAA . 
B 2 HOH 11 111 18 HOH HOH AAA . 
B 2 HOH 12 112 55 HOH HOH AAA . 
B 2 HOH 13 113 48 HOH HOH AAA . 
B 2 HOH 14 114 3  HOH HOH AAA . 
B 2 HOH 15 115 53 HOH HOH AAA . 
B 2 HOH 16 116 4  HOH HOH AAA . 
B 2 HOH 17 117 7  HOH HOH AAA . 
B 2 HOH 18 118 13 HOH HOH AAA . 
B 2 HOH 19 119 38 HOH HOH AAA . 
B 2 HOH 20 120 33 HOH HOH AAA . 
B 2 HOH 21 121 5  HOH HOH AAA . 
B 2 HOH 22 122 9  HOH HOH AAA . 
B 2 HOH 23 123 40 HOH HOH AAA . 
B 2 HOH 24 124 42 HOH HOH AAA . 
B 2 HOH 25 125 20 HOH HOH AAA . 
B 2 HOH 26 126 35 HOH HOH AAA . 
B 2 HOH 27 127 47 HOH HOH AAA . 
B 2 HOH 28 128 46 HOH HOH AAA . 
B 2 HOH 29 129 2  HOH HOH AAA . 
B 2 HOH 30 130 17 HOH HOH AAA . 
B 2 HOH 31 131 21 HOH HOH AAA . 
B 2 HOH 32 132 44 HOH HOH AAA . 
B 2 HOH 33 133 19 HOH HOH AAA . 
B 2 HOH 34 134 10 HOH HOH AAA . 
B 2 HOH 35 135 39 HOH HOH AAA . 
B 2 HOH 36 136 1  HOH HOH AAA . 
B 2 HOH 37 137 11 HOH HOH AAA . 
B 2 HOH 38 138 26 HOH HOH AAA . 
B 2 HOH 39 139 30 HOH HOH AAA . 
B 2 HOH 40 140 12 HOH HOH AAA . 
B 2 HOH 41 141 37 HOH HOH AAA . 
B 2 HOH 42 142 32 HOH HOH AAA . 
B 2 HOH 43 143 23 HOH HOH AAA . 
B 2 HOH 44 144 22 HOH HOH AAA . 
B 2 HOH 45 145 49 HOH HOH AAA . 
B 2 HOH 46 146 24 HOH HOH AAA . 
B 2 HOH 47 147 8  HOH HOH AAA . 
B 2 HOH 48 148 36 HOH HOH AAA . 
B 2 HOH 49 149 50 HOH HOH AAA . 
B 2 HOH 50 150 15 HOH HOH AAA . 
B 2 HOH 51 151 6  HOH HOH AAA . 
B 2 HOH 52 152 25 HOH HOH AAA . 
B 2 HOH 53 153 51 HOH HOH AAA . 
B 2 HOH 54 154 52 HOH HOH AAA . 
B 2 HOH 55 155 54 HOH HOH AAA . 
# 
loop_
_software.citation_id 
_software.classification 
_software.compiler_name 
_software.compiler_version 
_software.contact_author 
_software.contact_author_email 
_software.date 
_software.description 
_software.dependencies 
_software.hardware 
_software.language 
_software.location 
_software.mods 
_software.name 
_software.os 
_software.os_version 
_software.type 
_software.version 
_software.pdbx_ordinal 
? refinement       ? ? ? ? ? ? ? ? ? ? ? REFMAC ? ? ? 5.8.0267 1 
? 'data reduction' ? ? ? ? ? ? ? ? ? ? ? xia2   ? ? ? .        2 
? 'data scaling'   ? ? ? ? ? ? ? ? ? ? ? DIALS  ? ? ? .        3 
? phasing          ? ? ? ? ? ? ? ? ? ? ? PHASER ? ? ? .        4 
# 
_cell.angle_alpha                  90.000 
_cell.angle_alpha_esd              ? 
_cell.angle_beta                   90.000 
_cell.angle_beta_esd               ? 
_cell.angle_gamma                  120.000 
_cell.angle_gamma_esd              ? 
_cell.entry_id                     8FEP 
_cell.details                      ? 
_cell.formula_units_Z              ? 
_cell.length_a                     41.717 
_cell.length_a_esd                 ? 
_cell.length_b                     41.717 
_cell.length_b_esd                 ? 
_cell.length_c                     126.234 
_cell.length_c_esd                 ? 
_cell.volume                       ? 
_cell.volume_esd                   ? 
_cell.Z_PDB                        18 
_cell.reciprocal_angle_alpha       ? 
_cell.reciprocal_angle_beta        ? 
_cell.reciprocal_angle_gamma       ? 
_cell.reciprocal_angle_alpha_esd   ? 
_cell.reciprocal_angle_beta_esd    ? 
_cell.reciprocal_angle_gamma_esd   ? 
_cell.reciprocal_length_a          ? 
_cell.reciprocal_length_b          ? 
_cell.reciprocal_length_c          ? 
_cell.reciprocal_length_a_esd      ? 
_cell.reciprocal_length_b_esd      ? 
_cell.reciprocal_length_c_esd      ? 
_cell.pdbx_unique_axis             ? 
_cell.pdbx_esd_method              ? 
# 
_symmetry.entry_id                         8FEP 
_symmetry.cell_setting                     ? 
_symmetry.Int_Tables_number                155 
_symmetry.space_group_name_Hall            ? 
_symmetry.space_group_name_H-M             'H 3 2' 
_symmetry.pdbx_full_space_group_name_H-M   ? 
# 
_exptl.absorpt_coefficient_mu     ? 
_exptl.absorpt_correction_T_max   ? 
_exptl.absorpt_correction_T_min   ? 
_exptl.absorpt_correction_type    ? 
_exptl.absorpt_process_details    ? 
_exptl.entry_id                   8FEP 
_exptl.crystals_number            1 
_exptl.details                    ? 
_exptl.method                     'X-RAY DIFFRACTION' 
_exptl.method_details             ? 
# 
_exptl_crystal.colour                       ? 
_exptl_crystal.density_diffrn               ? 
_exptl_crystal.density_Matthews             2.09 
_exptl_crystal.density_method               ? 
_exptl_crystal.density_percent_sol          41.12 
_exptl_crystal.description                  ? 
_exptl_crystal.F_000                        ? 
_exptl_crystal.id                           1 
_exptl_crystal.preparation                  ? 
_exptl_crystal.size_max                     ? 
_exptl_crystal.size_mid                     ? 
_exptl_crystal.size_min                     ? 
_exptl_crystal.size_rad                     ? 
_exptl_crystal.colour_lustre                ? 
_exptl_crystal.colour_modifier              ? 
_exptl_crystal.colour_primary               ? 
_exptl_crystal.density_meas                 ? 
_exptl_crystal.density_meas_esd             ? 
_exptl_crystal.density_meas_gt              ? 
_exptl_crystal.density_meas_lt              ? 
_exptl_crystal.density_meas_temp            ? 
_exptl_crystal.density_meas_temp_esd        ? 
_exptl_crystal.density_meas_temp_gt         ? 
_exptl_crystal.density_meas_temp_lt         ? 
_exptl_crystal.pdbx_crystal_image_url       ? 
_exptl_crystal.pdbx_crystal_image_format    ? 
_exptl_crystal.pdbx_mosaicity               ? 
_exptl_crystal.pdbx_mosaicity_esd           ? 
_exptl_crystal.pdbx_mosaic_method           ? 
_exptl_crystal.pdbx_mosaic_block_size       ? 
_exptl_crystal.pdbx_mosaic_block_size_esd   ? 
# 
_exptl_crystal_grow.apparatus       ? 
_exptl_crystal_grow.atmosphere      ? 
_exptl_crystal_grow.crystal_id      1 
_exptl_crystal_grow.details         ? 
_exptl_crystal_grow.method          'VAPOR DIFFUSION, SITTING DROP' 
_exptl_crystal_grow.method_ref      ? 
_exptl_crystal_grow.pH              ? 
_exptl_crystal_grow.pressure        ? 
_exptl_crystal_grow.pressure_esd    ? 
_exptl_crystal_grow.seeding         ? 
_exptl_crystal_grow.seeding_ref     ? 
_exptl_crystal_grow.temp_details    ? 
_exptl_crystal_grow.temp_esd        ? 
_exptl_crystal_grow.time            ? 
_exptl_crystal_grow.pdbx_details    '2 M Lithium sulfate, 3 % w/v 2-Methyl-2,4-pentanediol' 
_exptl_crystal_grow.pdbx_pH_range   ? 
_exptl_crystal_grow.temp            293 
# 
_diffrn.ambient_environment              ? 
_diffrn.ambient_temp                     100 
_diffrn.ambient_temp_details             ? 
_diffrn.ambient_temp_esd                 ? 
_diffrn.crystal_id                       1 
_diffrn.crystal_support                  ? 
_diffrn.crystal_treatment                ? 
_diffrn.details                          ? 
_diffrn.id                               1 
_diffrn.ambient_pressure                 ? 
_diffrn.ambient_pressure_esd             ? 
_diffrn.ambient_pressure_gt              ? 
_diffrn.ambient_pressure_lt              ? 
_diffrn.ambient_temp_gt                  ? 
_diffrn.ambient_temp_lt                  ? 
_diffrn.pdbx_serial_crystal_experiment   N 
# 
_diffrn_detector.details                      ? 
_diffrn_detector.detector                     PIXEL 
_diffrn_detector.diffrn_id                    1 
_diffrn_detector.type                         'DECTRIS EIGER X 16M' 
_diffrn_detector.area_resol_mean              ? 
_diffrn_detector.dtime                        ? 
_diffrn_detector.pdbx_frames_total            ? 
_diffrn_detector.pdbx_collection_time_total   ? 
_diffrn_detector.pdbx_collection_date         2022-04-23 
_diffrn_detector.pdbx_frequency               ? 
# 
_diffrn_radiation.collimation                      ? 
_diffrn_radiation.diffrn_id                        1 
_diffrn_radiation.filter_edge                      ? 
_diffrn_radiation.inhomogeneity                    ? 
_diffrn_radiation.monochromator                    ? 
_diffrn_radiation.polarisn_norm                    ? 
_diffrn_radiation.polarisn_ratio                   ? 
_diffrn_radiation.probe                            ? 
_diffrn_radiation.type                             ? 
_diffrn_radiation.xray_symbol                      ? 
_diffrn_radiation.wavelength_id                    1 
_diffrn_radiation.pdbx_monochromatic_or_laue_m_l   M 
_diffrn_radiation.pdbx_wavelength_list             ? 
_diffrn_radiation.pdbx_wavelength                  ? 
_diffrn_radiation.pdbx_diffrn_protocol             'SINGLE WAVELENGTH' 
_diffrn_radiation.pdbx_analyzer                    ? 
_diffrn_radiation.pdbx_scattering_type             x-ray 
# 
_diffrn_radiation_wavelength.id           1 
_diffrn_radiation_wavelength.wavelength   1.033175 
_diffrn_radiation_wavelength.wt           1.0 
# 
_diffrn_source.current                     ? 
_diffrn_source.details                     ? 
_diffrn_source.diffrn_id                   1 
_diffrn_source.power                       ? 
_diffrn_source.size                        ? 
_diffrn_source.source                      SYNCHROTRON 
_diffrn_source.target                      ? 
_diffrn_source.type                        'APS BEAMLINE 23-ID-B' 
_diffrn_source.voltage                     ? 
_diffrn_source.take-off_angle              ? 
_diffrn_source.pdbx_wavelength_list        1.033175 
_diffrn_source.pdbx_wavelength             ? 
_diffrn_source.pdbx_synchrotron_beamline   23-ID-B 
_diffrn_source.pdbx_synchrotron_site       APS 
# 
_reflns.B_iso_Wilson_estimate                          ? 
_reflns.entry_id                                       8FEP 
_reflns.data_reduction_details                         ? 
_reflns.data_reduction_method                          ? 
_reflns.d_resolution_high                              1.55 
_reflns.d_resolution_low                               21.05 
_reflns.details                                        ? 
_reflns.limit_h_max                                    ? 
_reflns.limit_h_min                                    ? 
_reflns.limit_k_max                                    ? 
_reflns.limit_k_min                                    ? 
_reflns.limit_l_max                                    ? 
_reflns.limit_l_min                                    ? 
_reflns.number_all                                     ? 
_reflns.number_obs                                     6354 
_reflns.observed_criterion                             ? 
_reflns.observed_criterion_F_max                       ? 
_reflns.observed_criterion_F_min                       ? 
_reflns.observed_criterion_I_max                       ? 
_reflns.observed_criterion_I_min                       ? 
_reflns.observed_criterion_sigma_F                     ? 
_reflns.observed_criterion_sigma_I                     ? 
_reflns.percent_possible_obs                           98.48 
_reflns.R_free_details                                 ? 
_reflns.Rmerge_F_all                                   ? 
_reflns.Rmerge_F_obs                                   ? 
_reflns.Friedel_coverage                               ? 
_reflns.number_gt                                      ? 
_reflns.threshold_expression                           ? 
_reflns.pdbx_redundancy                                8.8 
_reflns.pdbx_netI_over_av_sigmaI                       ? 
_reflns.pdbx_netI_over_sigmaI                          30.0 
_reflns.pdbx_res_netI_over_av_sigmaI_2                 ? 
_reflns.pdbx_res_netI_over_sigmaI_2                    ? 
_reflns.pdbx_chi_squared                               ? 
_reflns.pdbx_scaling_rejects                           ? 
_reflns.pdbx_d_res_high_opt                            ? 
_reflns.pdbx_d_res_low_opt                             ? 
_reflns.pdbx_d_res_opt_method                          ? 
_reflns.phase_calculation_details                      ? 
_reflns.pdbx_Rrim_I_all                                0.070 
_reflns.pdbx_Rpim_I_all                                0.025 
_reflns.pdbx_d_opt                                     ? 
_reflns.pdbx_number_measured_all                       ? 
_reflns.pdbx_diffrn_id                                 1 
_reflns.pdbx_ordinal                                   1 
_reflns.pdbx_CC_half                                   0.999 
_reflns.pdbx_CC_star                                   ? 
_reflns.pdbx_R_split                                   ? 
_reflns.pdbx_Rmerge_I_obs                              0.066 
_reflns.pdbx_Rmerge_I_all                              ? 
_reflns.pdbx_Rsym_value                                ? 
_reflns.pdbx_CC_split_method                           ? 
_reflns.pdbx_aniso_diffraction_limit_axis_1_ortho[1]   ? 
_reflns.pdbx_aniso_diffraction_limit_axis_1_ortho[2]   ? 
_reflns.pdbx_aniso_diffraction_limit_axis_1_ortho[3]   ? 
_reflns.pdbx_aniso_diffraction_limit_axis_2_ortho[1]   ? 
_reflns.pdbx_aniso_diffraction_limit_axis_2_ortho[2]   ? 
_reflns.pdbx_aniso_diffraction_limit_axis_2_ortho[3]   ? 
_reflns.pdbx_aniso_diffraction_limit_axis_3_ortho[1]   ? 
_reflns.pdbx_aniso_diffraction_limit_axis_3_ortho[2]   ? 
_reflns.pdbx_aniso_diffraction_limit_axis_3_ortho[3]   ? 
_reflns.pdbx_aniso_diffraction_limit_1                 ? 
_reflns.pdbx_aniso_diffraction_limit_2                 ? 
_reflns.pdbx_aniso_diffraction_limit_3                 ? 
_reflns.pdbx_aniso_B_tensor_eigenvector_1_ortho[1]     ? 
_reflns.pdbx_aniso_B_tensor_eigenvector_1_ortho[2]     ? 
_reflns.pdbx_aniso_B_tensor_eigenvector_1_ortho[3]     ? 
_reflns.pdbx_aniso_B_tensor_eigenvector_2_ortho[1]     ? 
_reflns.pdbx_aniso_B_tensor_eigenvector_2_ortho[2]     ? 
_reflns.pdbx_aniso_B_tensor_eigenvector_2_ortho[3]     ? 
_reflns.pdbx_aniso_B_tensor_eigenvector_3_ortho[1]     ? 
_reflns.pdbx_aniso_B_tensor_eigenvector_3_ortho[2]     ? 
_reflns.pdbx_aniso_B_tensor_eigenvector_3_ortho[3]     ? 
_reflns.pdbx_aniso_B_tensor_eigenvalue_1               ? 
_reflns.pdbx_aniso_B_tensor_eigenvalue_2               ? 
_reflns.pdbx_aniso_B_tensor_eigenvalue_3               ? 
_reflns.pdbx_orthogonalization_convention              ? 
_reflns.pdbx_percent_possible_ellipsoidal              ? 
_reflns.pdbx_percent_possible_spherical                ? 
_reflns.pdbx_percent_possible_ellipsoidal_anomalous    ? 
_reflns.pdbx_percent_possible_spherical_anomalous      ? 
_reflns.pdbx_redundancy_anomalous                      ? 
_reflns.pdbx_CC_half_anomalous                         ? 
_reflns.pdbx_absDiff_over_sigma_anomalous              ? 
_reflns.pdbx_percent_possible_anomalous                ? 
_reflns.pdbx_observed_signal_threshold                 ? 
_reflns.pdbx_signal_type                               ? 
_reflns.pdbx_signal_details                            ? 
_reflns.pdbx_signal_software_id                        ? 
# 
_reflns_shell.d_res_high                                    1.55 
_reflns_shell.d_res_low                                     1.58 
_reflns_shell.meanI_over_sigI_all                           ? 
_reflns_shell.meanI_over_sigI_obs                           2.1 
_reflns_shell.number_measured_all                           ? 
_reflns_shell.number_measured_obs                           ? 
_reflns_shell.number_possible                               ? 
_reflns_shell.number_unique_all                             ? 
_reflns_shell.number_unique_obs                             310 
_reflns_shell.percent_possible_obs                          ? 
_reflns_shell.Rmerge_F_all                                  ? 
_reflns_shell.Rmerge_F_obs                                  ? 
_reflns_shell.meanI_over_sigI_gt                            ? 
_reflns_shell.meanI_over_uI_all                             ? 
_reflns_shell.meanI_over_uI_gt                              ? 
_reflns_shell.number_measured_gt                            ? 
_reflns_shell.number_unique_gt                              ? 
_reflns_shell.percent_possible_gt                           ? 
_reflns_shell.Rmerge_F_gt                                   ? 
_reflns_shell.Rmerge_I_gt                                   ? 
_reflns_shell.pdbx_redundancy                               9.0 
_reflns_shell.pdbx_chi_squared                              ? 
_reflns_shell.pdbx_netI_over_sigmaI_all                     ? 
_reflns_shell.pdbx_netI_over_sigmaI_obs                     ? 
_reflns_shell.pdbx_Rrim_I_all                               0.199 
_reflns_shell.pdbx_Rpim_I_all                               0.066 
_reflns_shell.pdbx_rejects                                  ? 
_reflns_shell.pdbx_ordinal                                  1 
_reflns_shell.pdbx_diffrn_id                                1 
_reflns_shell.pdbx_CC_half                                  0.994 
_reflns_shell.pdbx_CC_star                                  ? 
_reflns_shell.pdbx_R_split                                  ? 
_reflns_shell.percent_possible_all                          100 
_reflns_shell.Rmerge_I_all                                  ? 
_reflns_shell.Rmerge_I_obs                                  0.187 
_reflns_shell.pdbx_Rsym_value                               ? 
_reflns_shell.pdbx_percent_possible_ellipsoidal             ? 
_reflns_shell.pdbx_percent_possible_spherical               ? 
_reflns_shell.pdbx_percent_possible_ellipsoidal_anomalous   ? 
_reflns_shell.pdbx_percent_possible_spherical_anomalous     ? 
_reflns_shell.pdbx_redundancy_anomalous                     ? 
_reflns_shell.pdbx_CC_half_anomalous                        ? 
_reflns_shell.pdbx_absDiff_over_sigma_anomalous             ? 
_reflns_shell.pdbx_percent_possible_anomalous               ? 
# 
_refine.aniso_B[1][1]                            -0.002 
_refine.aniso_B[1][2]                            -0.001 
_refine.aniso_B[1][3]                            0.000 
_refine.aniso_B[2][2]                            -0.002 
_refine.aniso_B[2][3]                            0.000 
_refine.aniso_B[3][3]                            0.005 
_refine.B_iso_max                                ? 
_refine.B_iso_mean                               25.459 
_refine.B_iso_min                                ? 
_refine.correlation_coeff_Fo_to_Fc               0.963 
_refine.correlation_coeff_Fo_to_Fc_free          0.933 
_refine.details                                  'Hydrogens have been added in their riding positions' 
_refine.diff_density_max                         ? 
_refine.diff_density_max_esd                     ? 
_refine.diff_density_min                         ? 
_refine.diff_density_min_esd                     ? 
_refine.diff_density_rms                         ? 
_refine.diff_density_rms_esd                     ? 
_refine.entry_id                                 8FEP 
_refine.pdbx_refine_id                           'X-RAY DIFFRACTION' 
_refine.ls_abs_structure_details                 ? 
_refine.ls_abs_structure_Flack                   ? 
_refine.ls_abs_structure_Flack_esd               ? 
_refine.ls_abs_structure_Rogers                  ? 
_refine.ls_abs_structure_Rogers_esd              ? 
_refine.ls_d_res_high                            1.550 
_refine.ls_d_res_low                             21.048 
_refine.ls_extinction_coef                       ? 
_refine.ls_extinction_coef_esd                   ? 
_refine.ls_extinction_expression                 ? 
_refine.ls_extinction_method                     ? 
_refine.ls_goodness_of_fit_all                   ? 
_refine.ls_goodness_of_fit_all_esd               ? 
_refine.ls_goodness_of_fit_obs                   ? 
_refine.ls_goodness_of_fit_obs_esd               ? 
_refine.ls_hydrogen_treatment                    ? 
_refine.ls_matrix_type                           ? 
_refine.ls_number_constraints                    ? 
_refine.ls_number_parameters                     ? 
_refine.ls_number_reflns_all                     ? 
_refine.ls_number_reflns_obs                     6353 
_refine.ls_number_reflns_R_free                  327 
_refine.ls_number_reflns_R_work                  6026 
_refine.ls_number_restraints                     ? 
_refine.ls_percent_reflns_obs                    98.420 
_refine.ls_percent_reflns_R_free                 5.147 
_refine.ls_R_factor_all                          0.209 
_refine.ls_R_factor_obs                          ? 
_refine.ls_R_factor_R_free                       0.2692 
_refine.ls_R_factor_R_free_error                 ? 
_refine.ls_R_factor_R_free_error_details         ? 
_refine.ls_R_factor_R_work                       0.2059 
_refine.ls_R_Fsqd_factor_obs                     ? 
_refine.ls_R_I_factor_obs                        ? 
_refine.ls_redundancy_reflns_all                 ? 
_refine.ls_redundancy_reflns_obs                 ? 
_refine.ls_restrained_S_all                      ? 
_refine.ls_restrained_S_obs                      ? 
_refine.ls_shift_over_esd_max                    ? 
_refine.ls_shift_over_esd_mean                   ? 
_refine.ls_structure_factor_coef                 ? 
_refine.ls_weighting_details                     ? 
_refine.ls_weighting_scheme                      ? 
_refine.ls_wR_factor_all                         ? 
_refine.ls_wR_factor_obs                         ? 
_refine.ls_wR_factor_R_free                      ? 
_refine.ls_wR_factor_R_work                      ? 
_refine.occupancy_max                            ? 
_refine.occupancy_min                            ? 
_refine.solvent_model_details                    'MASK BULK SOLVENT' 
_refine.solvent_model_param_bsol                 ? 
_refine.solvent_model_param_ksol                 ? 
_refine.pdbx_R_complete                          ? 
_refine.ls_R_factor_gt                           ? 
_refine.ls_goodness_of_fit_gt                    ? 
_refine.ls_goodness_of_fit_ref                   ? 
_refine.ls_shift_over_su_max                     ? 
_refine.ls_shift_over_su_max_lt                  ? 
_refine.ls_shift_over_su_mean                    ? 
_refine.ls_shift_over_su_mean_lt                 ? 
_refine.pdbx_ls_sigma_I                          ? 
_refine.pdbx_ls_sigma_F                          ? 
_refine.pdbx_ls_sigma_Fsqd                       ? 
_refine.pdbx_data_cutoff_high_absF               ? 
_refine.pdbx_data_cutoff_high_rms_absF           ? 
_refine.pdbx_data_cutoff_low_absF                ? 
_refine.pdbx_isotropic_thermal_model             ? 
_refine.pdbx_ls_cross_valid_method               THROUGHOUT 
_refine.pdbx_method_to_determine_struct          'MOLECULAR REPLACEMENT' 
_refine.pdbx_starting_model                      ? 
_refine.pdbx_stereochemistry_target_values       ? 
_refine.pdbx_R_Free_selection_details            ? 
_refine.pdbx_stereochem_target_val_spec_case     ? 
_refine.pdbx_overall_ESU_R                       0.096 
_refine.pdbx_overall_ESU_R_Free                  0.108 
_refine.pdbx_solvent_vdw_probe_radii             1.200 
_refine.pdbx_solvent_ion_probe_radii             0.800 
_refine.pdbx_solvent_shrinkage_radii             0.800 
_refine.pdbx_real_space_R                        ? 
_refine.pdbx_density_correlation                 ? 
_refine.pdbx_pd_number_of_powder_patterns        ? 
_refine.pdbx_pd_number_of_points                 ? 
_refine.pdbx_pd_meas_number_of_points            ? 
_refine.pdbx_pd_proc_ls_prof_R_factor            ? 
_refine.pdbx_pd_proc_ls_prof_wR_factor           ? 
_refine.pdbx_pd_Marquardt_correlation_coeff      ? 
_refine.pdbx_pd_Fsqrd_R_factor                   ? 
_refine.pdbx_pd_ls_matrix_band_width             ? 
_refine.pdbx_overall_phase_error                 ? 
_refine.pdbx_overall_SU_R_free_Cruickshank_DPI   ? 
_refine.pdbx_overall_SU_R_free_Blow_DPI          ? 
_refine.pdbx_overall_SU_R_Blow_DPI               ? 
_refine.pdbx_TLS_residual_ADP_flag               ? 
_refine.pdbx_diffrn_id                           1 
_refine.overall_SU_B                             1.935 
_refine.overall_SU_ML                            0.069 
_refine.overall_SU_R_Cruickshank_DPI             ? 
_refine.overall_SU_R_free                        ? 
_refine.overall_FOM_free_R_set                   ? 
_refine.overall_FOM_work_R_set                   ? 
_refine.pdbx_average_fsc_overall                 ? 
_refine.pdbx_average_fsc_work                    ? 
_refine.pdbx_average_fsc_free                    ? 
# 
_refine_hist.pdbx_refine_id                   'X-RAY DIFFRACTION' 
_refine_hist.cycle_id                         LAST 
_refine_hist.pdbx_number_atoms_protein        0 
_refine_hist.pdbx_number_atoms_nucleic_acid   334 
_refine_hist.pdbx_number_atoms_ligand         0 
_refine_hist.number_atoms_solvent             55 
_refine_hist.number_atoms_total               389 
_refine_hist.d_res_high                       1.550 
_refine_hist.d_res_low                        21.048 
# 
loop_
_refine_ls_restr.pdbx_refine_id 
_refine_ls_restr.criterion 
_refine_ls_restr.dev_ideal 
_refine_ls_restr.dev_ideal_target 
_refine_ls_restr.number 
_refine_ls_restr.rejects 
_refine_ls_restr.type 
_refine_ls_restr.weight 
_refine_ls_restr.pdbx_restraint_function 
'X-RAY DIFFRACTION' ? 0.011 0.012  372 ? r_bond_refined_d               ? ? 
'X-RAY DIFFRACTION' ? 0.006 0.018  155 ? r_bond_other_d                 ? ? 
'X-RAY DIFFRACTION' ? 2.548 1.789  577 ? r_angle_refined_deg            ? ? 
'X-RAY DIFFRACTION' ? 0.734 1.655  379 ? r_angle_other_deg              ? ? 
'X-RAY DIFFRACTION' ? 0.226 0.200  79  ? r_chiral_restr                 ? ? 
'X-RAY DIFFRACTION' ? 0.023 0.020  181 ? r_gen_planes_refined           ? ? 
'X-RAY DIFFRACTION' ? 0.001 0.020  58  ? r_gen_planes_other             ? ? 
'X-RAY DIFFRACTION' ? 0.086 0.200  28  ? r_nbd_refined                  ? ? 
'X-RAY DIFFRACTION' ? 0.191 0.200  146 ? r_symmetry_nbd_other           ? ? 
'X-RAY DIFFRACTION' ? 0.247 0.200  135 ? r_nbtor_refined                ? ? 
'X-RAY DIFFRACTION' ? 0.092 0.200  89  ? r_symmetry_nbtor_other         ? ? 
'X-RAY DIFFRACTION' ? 0.287 0.200  23  ? r_xyhbond_nbd_refined          ? ? 
'X-RAY DIFFRACTION' ? 0.212 0.200  19  ? r_symmetry_nbd_refined         ? ? 
'X-RAY DIFFRACTION' ? 0.394 0.200  41  ? r_nbd_other                    ? ? 
'X-RAY DIFFRACTION' ? 0.318 0.200  11  ? r_symmetry_xyhbond_nbd_refined ? ? 
'X-RAY DIFFRACTION' ? 2.350 2.525  369 ? r_scbond_it                    ? ? 
'X-RAY DIFFRACTION' ? 2.347 2.524  370 ? r_scbond_other                 ? ? 
'X-RAY DIFFRACTION' ? 2.942 3.813  577 ? r_scangle_it                   ? ? 
'X-RAY DIFFRACTION' ? 2.939 3.812  578 ? r_scangle_other                ? ? 
'X-RAY DIFFRACTION' ? 4.477 24.274 466 ? r_lrange_it                    ? ? 
'X-RAY DIFFRACTION' ? 4.424 24.027 463 ? r_lrange_other                 ? ? 
# 
loop_
_refine_ls_shell.pdbx_refine_id 
_refine_ls_shell.d_res_high 
_refine_ls_shell.d_res_low 
_refine_ls_shell.number_reflns_all 
_refine_ls_shell.number_reflns_obs 
_refine_ls_shell.number_reflns_R_free 
_refine_ls_shell.number_reflns_R_work 
_refine_ls_shell.percent_reflns_obs 
_refine_ls_shell.percent_reflns_R_free 
_refine_ls_shell.R_factor_all 
_refine_ls_shell.R_factor_obs 
_refine_ls_shell.R_factor_R_free_error 
_refine_ls_shell.R_factor_R_work 
_refine_ls_shell.redundancy_reflns_all 
_refine_ls_shell.redundancy_reflns_obs 
_refine_ls_shell.wR_factor_all 
_refine_ls_shell.wR_factor_obs 
_refine_ls_shell.wR_factor_R_free 
_refine_ls_shell.wR_factor_R_work 
_refine_ls_shell.pdbx_R_complete 
_refine_ls_shell.pdbx_total_number_of_bins_used 
_refine_ls_shell.pdbx_phase_error 
_refine_ls_shell.pdbx_fsc_work 
_refine_ls_shell.pdbx_fsc_free 
_refine_ls_shell.R_factor_R_free 
'X-RAY DIFFRACTION' 1.550 1.590  . . 20 438 100.0000 . . . . 0.208 . . . . . . . . . . . 0.248 
'X-RAY DIFFRACTION' 1.590 1.634  . . 23 434 100.0000 . . . . 0.222 . . . . . . . . . . . 0.252 
'X-RAY DIFFRACTION' 1.634 1.681  . . 26 419 100.0000 . . . . .     . . . . . . . . . . . 0.183 
'X-RAY DIFFRACTION' 1.681 1.733  . . 24 416 100.0000 . . . . 0.234 . . . . . . . . . . . 0.290 
'X-RAY DIFFRACTION' 1.733 1.789  . . 24 381 100.0000 . . . . 0.222 . . . . . . . . . . . 0.304 
'X-RAY DIFFRACTION' 1.789 1.852  . . 22 381 100.0000 . . . . 0.230 . . . . . . . . . . . 0.400 
'X-RAY DIFFRACTION' 1.852 1.922  . . 27 358 98.2143  . . . . 0.225 . . . . . . . . . . . 0.347 
'X-RAY DIFFRACTION' 1.922 2.000  . . 24 359 100.0000 . . . . 0.227 . . . . . . . . . . . 0.265 
'X-RAY DIFFRACTION' 2.000 2.089  . . 16 348 100.0000 . . . . 0.216 . . . . . . . . . . . 0.229 
'X-RAY DIFFRACTION' 2.089 2.191  . . 19 335 100.0000 . . . . 0.210 . . . . . . . . . . . 0.224 
'X-RAY DIFFRACTION' 2.191 2.309  . . 12 321 100.0000 . . . . 0.230 . . . . . . . . . . . 0.287 
'X-RAY DIFFRACTION' 2.309 2.448  . . 12 297 100.0000 . . . . .     . . . . . . . . . . . 0.222 
'X-RAY DIFFRACTION' 2.448 2.617  . . 19 275 99.3243  . . . . 0.231 . . . . . . . . . . . 0.370 
'X-RAY DIFFRACTION' 2.617 2.826  . . 15 260 98.5663  . . . . 0.231 . . . . . . . . . . . 0.391 
'X-RAY DIFFRACTION' 2.826 3.094  . . 10 245 99.6094  . . . . 0.197 . . . . . . . . . . . 0.209 
'X-RAY DIFFRACTION' 3.094 3.457  . . 10 224 96.6942  . . . . 0.178 . . . . . . . . . . . 0.380 
'X-RAY DIFFRACTION' 3.457 3.987  . . 8  192 96.1538  . . . . .     . . . . . . . . . . . 0.148 
'X-RAY DIFFRACTION' 3.987 4.872  . . 10 158 91.3044  . . . . .     . . . . . . . . . . . 0.167 
'X-RAY DIFFRACTION' 4.872 6.845  . . 4  123 85.8108  . . . . 0.188 . . . . . . . . . . . 0.220 
'X-RAY DIFFRACTION' 6.845 21.048 . . 2  62  64.6465  . . . . 0.285 . . . . . . . . . . . 0.636 
# 
_struct.entry_id                     8FEP 
_struct.title                        '16mer self-complementary duplex RNA with two continuous native U:U pairs' 
_struct.pdbx_model_details           ? 
_struct.pdbx_formula_weight          ? 
_struct.pdbx_formula_weight_method   ? 
_struct.pdbx_model_type_details      ? 
_struct.pdbx_CASP_flag               N 
# 
_struct_keywords.entry_id        8FEP 
_struct_keywords.text            'RNA, Duplexes, UU pairs' 
_struct_keywords.pdbx_keywords   RNA 
# 
loop_
_struct_asym.id 
_struct_asym.pdbx_blank_PDB_chainid_flag 
_struct_asym.pdbx_modified 
_struct_asym.entity_id 
_struct_asym.details 
A N N 1 ? 
B N N 2 ? 
# 
_struct_ref.id                         1 
_struct_ref.db_name                    PDB 
_struct_ref.db_code                    8FEP 
_struct_ref.pdbx_db_accession          8FEP 
_struct_ref.pdbx_db_isoform            ? 
_struct_ref.entity_id                  1 
_struct_ref.pdbx_seq_one_letter_code   ? 
_struct_ref.pdbx_align_begin           1 
# 
_struct_ref_seq.align_id                      1 
_struct_ref_seq.ref_id                        1 
_struct_ref_seq.pdbx_PDB_id_code              8FEP 
_struct_ref_seq.pdbx_strand_id                AAA 
_struct_ref_seq.seq_align_beg                 1 
_struct_ref_seq.pdbx_seq_align_beg_ins_code   ? 
_struct_ref_seq.seq_align_end                 16 
_struct_ref_seq.pdbx_seq_align_end_ins_code   ? 
_struct_ref_seq.pdbx_db_accession             8FEP 
_struct_ref_seq.db_align_beg                  1 
_struct_ref_seq.pdbx_db_align_beg_ins_code    ? 
_struct_ref_seq.db_align_end                  16 
_struct_ref_seq.pdbx_db_align_end_ins_code    ? 
_struct_ref_seq.pdbx_auth_seq_align_beg       1 
_struct_ref_seq.pdbx_auth_seq_align_end       16 
# 
_pdbx_struct_assembly.id                   1 
_pdbx_struct_assembly.details              author_and_software_defined_assembly 
_pdbx_struct_assembly.method_details       PISA 
_pdbx_struct_assembly.oligomeric_details   dimeric 
_pdbx_struct_assembly.oligomeric_count     2 
# 
loop_
_pdbx_struct_assembly_prop.biol_id 
_pdbx_struct_assembly_prop.type 
_pdbx_struct_assembly_prop.value 
_pdbx_struct_assembly_prop.details 
1 'ABSA (A^2)' 1490 ? 
1 MORE         -13  ? 
1 'SSA (A^2)'  5900 ? 
# 
_pdbx_struct_assembly_gen.assembly_id       1 
_pdbx_struct_assembly_gen.oper_expression   1,2 
_pdbx_struct_assembly_gen.asym_id_list      A,B 
# 
_pdbx_struct_assembly_auth_evidence.id                     1 
_pdbx_struct_assembly_auth_evidence.assembly_id            1 
_pdbx_struct_assembly_auth_evidence.experimental_support   none 
_pdbx_struct_assembly_auth_evidence.details                ? 
# 
loop_
_pdbx_struct_oper_list.id 
_pdbx_struct_oper_list.type 
_pdbx_struct_oper_list.name 
_pdbx_struct_oper_list.symmetry_operation 
_pdbx_struct_oper_list.matrix[1][1] 
_pdbx_struct_oper_list.matrix[1][2] 
_pdbx_struct_oper_list.matrix[1][3] 
_pdbx_struct_oper_list.vector[1] 
_pdbx_struct_oper_list.matrix[2][1] 
_pdbx_struct_oper_list.matrix[2][2] 
_pdbx_struct_oper_list.matrix[2][3] 
_pdbx_struct_oper_list.vector[2] 
_pdbx_struct_oper_list.matrix[3][1] 
_pdbx_struct_oper_list.matrix[3][2] 
_pdbx_struct_oper_list.matrix[3][3] 
_pdbx_struct_oper_list.vector[3] 
1 'identity operation'         1_555 x,y,z      1.0000000000  0.0000000000 0.0000000000  0.0000000000  0.0000000000 1.0000000000  0.0000000000  0.0000000000  0.0000000000  0.0000000000  1.0000000000 0.0000000000  
2 'crystal symmetry operation' 6_555 -x,-x+y,-z -0.7422134154 0.2378777120 -0.6265248919 -3.3924325660 0.2378777120 -0.7804935973 -0.5781383387 -1.4919942622 -0.6265248919 -0.5781383387 0.5227070127 -1.9623095615 
# 
loop_
_struct_conn.id 
_struct_conn.conn_type_id 
_struct_conn.pdbx_leaving_atom_flag 
_struct_conn.pdbx_PDB_id 
_struct_conn.ptnr1_label_asym_id 
_struct_conn.ptnr1_label_comp_id 
_struct_conn.ptnr1_label_seq_id 
_struct_conn.ptnr1_label_atom_id 
_struct_conn.pdbx_ptnr1_label_alt_id 
_struct_conn.pdbx_ptnr1_PDB_ins_code 
_struct_conn.pdbx_ptnr1_standard_comp_id 
_struct_conn.ptnr1_symmetry 
_struct_conn.ptnr2_label_asym_id 
_struct_conn.ptnr2_label_comp_id 
_struct_conn.ptnr2_label_seq_id 
_struct_conn.ptnr2_label_atom_id 
_struct_conn.pdbx_ptnr2_label_alt_id 
_struct_conn.pdbx_ptnr2_PDB_ins_code 
_struct_conn.ptnr1_auth_asym_id 
_struct_conn.ptnr1_auth_comp_id 
_struct_conn.ptnr1_auth_seq_id 
_struct_conn.ptnr2_auth_asym_id 
_struct_conn.ptnr2_auth_comp_id 
_struct_conn.ptnr2_auth_seq_id 
_struct_conn.ptnr2_symmetry 
_struct_conn.pdbx_ptnr3_label_atom_id 
_struct_conn.pdbx_ptnr3_label_seq_id 
_struct_conn.pdbx_ptnr3_label_comp_id 
_struct_conn.pdbx_ptnr3_label_asym_id 
_struct_conn.pdbx_ptnr3_label_alt_id 
_struct_conn.pdbx_ptnr3_PDB_ins_code 
_struct_conn.details 
_struct_conn.pdbx_dist_value 
_struct_conn.pdbx_value_order 
_struct_conn.pdbx_role 
hydrog1  hydrog ? ? A A 1  N1 ? ? ? 1_555 A U 16 N3 ? ? AAA A 1  AAA U 16 6_555 ? ? ? ? ? ? WATSON-CRICK ? ? ? 
hydrog2  hydrog ? ? A A 1  N6 ? ? ? 1_555 A U 16 O4 ? ? AAA A 1  AAA U 16 6_555 ? ? ? ? ? ? WATSON-CRICK ? ? ? 
hydrog3  hydrog ? ? A G 2  N1 ? ? ? 1_555 A C 15 N3 ? ? AAA G 2  AAA C 15 6_555 ? ? ? ? ? ? WATSON-CRICK ? ? ? 
hydrog4  hydrog ? ? A G 2  N2 ? ? ? 1_555 A C 15 O2 ? ? AAA G 2  AAA C 15 6_555 ? ? ? ? ? ? WATSON-CRICK ? ? ? 
hydrog5  hydrog ? ? A G 2  O6 ? ? ? 1_555 A C 15 N4 ? ? AAA G 2  AAA C 15 6_555 ? ? ? ? ? ? WATSON-CRICK ? ? ? 
hydrog6  hydrog ? ? A A 3  N1 ? ? ? 1_555 A U 14 N3 ? ? AAA A 3  AAA U 14 6_555 ? ? ? ? ? ? WATSON-CRICK ? ? ? 
hydrog7  hydrog ? ? A A 3  N6 ? ? ? 1_555 A U 14 O4 ? ? AAA A 3  AAA U 14 6_555 ? ? ? ? ? ? WATSON-CRICK ? ? ? 
hydrog8  hydrog ? ? A G 4  N1 ? ? ? 1_555 A C 13 N3 ? ? AAA G 4  AAA C 13 6_555 ? ? ? ? ? ? WATSON-CRICK ? ? ? 
hydrog9  hydrog ? ? A G 4  N2 ? ? ? 1_555 A C 13 O2 ? ? AAA G 4  AAA C 13 6_555 ? ? ? ? ? ? WATSON-CRICK ? ? ? 
hydrog10 hydrog ? ? A G 4  O6 ? ? ? 1_555 A C 13 N4 ? ? AAA G 4  AAA C 13 6_555 ? ? ? ? ? ? WATSON-CRICK ? ? ? 
hydrog11 hydrog ? ? A A 5  N1 ? ? ? 1_555 A U 12 N3 ? ? AAA A 5  AAA U 12 6_555 ? ? ? ? ? ? WATSON-CRICK ? ? ? 
hydrog12 hydrog ? ? A A 5  N6 ? ? ? 1_555 A U 12 O4 ? ? AAA A 5  AAA U 12 6_555 ? ? ? ? ? ? WATSON-CRICK ? ? ? 
hydrog13 hydrog ? ? A A 6  N1 ? ? ? 1_555 A U 11 N3 ? ? AAA A 6  AAA U 11 6_555 ? ? ? ? ? ? WATSON-CRICK ? ? ? 
hydrog14 hydrog ? ? A A 6  N6 ? ? ? 1_555 A U 11 O4 ? ? AAA A 6  AAA U 11 6_555 ? ? ? ? ? ? WATSON-CRICK ? ? ? 
hydrog15 hydrog ? ? A G 7  N1 ? ? ? 1_555 A C 10 N3 ? ? AAA G 7  AAA C 10 6_555 ? ? ? ? ? ? WATSON-CRICK ? ? ? 
hydrog16 hydrog ? ? A G 7  N2 ? ? ? 1_555 A C 10 O2 ? ? AAA G 7  AAA C 10 6_555 ? ? ? ? ? ? WATSON-CRICK ? ? ? 
hydrog17 hydrog ? ? A G 7  O6 ? ? ? 1_555 A C 10 N4 ? ? AAA G 7  AAA C 10 6_555 ? ? ? ? ? ? WATSON-CRICK ? ? ? 
hydrog18 hydrog ? ? A U 8  N3 ? ? ? 1_555 A U 9  O4 ? ? AAA U 8  AAA U 9  6_555 ? ? ? ? ? ? TYPE_16_PAIR ? ? ? 
hydrog19 hydrog ? ? A U 8  O2 ? ? ? 1_555 A U 9  N3 ? ? AAA U 8  AAA U 9  6_555 ? ? ? ? ? ? TYPE_16_PAIR ? ? ? 
hydrog20 hydrog ? ? A U 9  N3 ? ? ? 1_555 A U 8  O2 ? ? AAA U 9  AAA U 8  6_555 ? ? ? ? ? ? TYPE_16_PAIR ? ? ? 
hydrog21 hydrog ? ? A U 9  O4 ? ? ? 1_555 A U 8  N3 ? ? AAA U 9  AAA U 8  6_555 ? ? ? ? ? ? TYPE_16_PAIR ? ? ? 
hydrog22 hydrog ? ? A C 10 N3 ? ? ? 1_555 A G 7  N1 ? ? AAA C 10 AAA G 7  6_555 ? ? ? ? ? ? WATSON-CRICK ? ? ? 
hydrog23 hydrog ? ? A C 10 N4 ? ? ? 1_555 A G 7  O6 ? ? AAA C 10 AAA G 7  6_555 ? ? ? ? ? ? WATSON-CRICK ? ? ? 
hydrog24 hydrog ? ? A C 10 O2 ? ? ? 1_555 A G 7  N2 ? ? AAA C 10 AAA G 7  6_555 ? ? ? ? ? ? WATSON-CRICK ? ? ? 
hydrog25 hydrog ? ? A U 11 N3 ? ? ? 1_555 A A 6  N1 ? ? AAA U 11 AAA A 6  6_555 ? ? ? ? ? ? WATSON-CRICK ? ? ? 
hydrog26 hydrog ? ? A U 11 O4 ? ? ? 1_555 A A 6  N6 ? ? AAA U 11 AAA A 6  6_555 ? ? ? ? ? ? WATSON-CRICK ? ? ? 
hydrog27 hydrog ? ? A U 12 N3 ? ? ? 1_555 A A 5  N1 ? ? AAA U 12 AAA A 5  6_555 ? ? ? ? ? ? WATSON-CRICK ? ? ? 
hydrog28 hydrog ? ? A U 12 O4 ? ? ? 1_555 A A 5  N6 ? ? AAA U 12 AAA A 5  6_555 ? ? ? ? ? ? WATSON-CRICK ? ? ? 
hydrog29 hydrog ? ? A C 13 N3 ? ? ? 1_555 A G 4  N1 ? ? AAA C 13 AAA G 4  6_555 ? ? ? ? ? ? WATSON-CRICK ? ? ? 
hydrog30 hydrog ? ? A C 13 N4 ? ? ? 1_555 A G 4  O6 ? ? AAA C 13 AAA G 4  6_555 ? ? ? ? ? ? WATSON-CRICK ? ? ? 
hydrog31 hydrog ? ? A C 13 O2 ? ? ? 1_555 A G 4  N2 ? ? AAA C 13 AAA G 4  6_555 ? ? ? ? ? ? WATSON-CRICK ? ? ? 
hydrog32 hydrog ? ? A U 14 N3 ? ? ? 1_555 A A 3  N1 ? ? AAA U 14 AAA A 3  6_555 ? ? ? ? ? ? WATSON-CRICK ? ? ? 
hydrog33 hydrog ? ? A U 14 O4 ? ? ? 1_555 A A 3  N6 ? ? AAA U 14 AAA A 3  6_555 ? ? ? ? ? ? WATSON-CRICK ? ? ? 
hydrog34 hydrog ? ? A C 15 N3 ? ? ? 1_555 A G 2  N1 ? ? AAA C 15 AAA G 2  6_555 ? ? ? ? ? ? WATSON-CRICK ? ? ? 
hydrog35 hydrog ? ? A C 15 N4 ? ? ? 1_555 A G 2  O6 ? ? AAA C 15 AAA G 2  6_555 ? ? ? ? ? ? WATSON-CRICK ? ? ? 
hydrog36 hydrog ? ? A C 15 O2 ? ? ? 1_555 A G 2  N2 ? ? AAA C 15 AAA G 2  6_555 ? ? ? ? ? ? WATSON-CRICK ? ? ? 
hydrog37 hydrog ? ? A U 16 N3 ? ? ? 1_555 A A 1  N1 ? ? AAA U 16 AAA A 1  6_555 ? ? ? ? ? ? WATSON-CRICK ? ? ? 
hydrog38 hydrog ? ? A U 16 O4 ? ? ? 1_555 A A 1  N6 ? ? AAA U 16 AAA A 1  6_555 ? ? ? ? ? ? WATSON-CRICK ? ? ? 
# 
_struct_conn_type.id          hydrog 
_struct_conn_type.criteria    ? 
_struct_conn_type.reference   ? 
# 
loop_
_pdbx_validate_close_contact.id 
_pdbx_validate_close_contact.PDB_model_num 
_pdbx_validate_close_contact.auth_atom_id_1 
_pdbx_validate_close_contact.auth_asym_id_1 
_pdbx_validate_close_contact.auth_comp_id_1 
_pdbx_validate_close_contact.auth_seq_id_1 
_pdbx_validate_close_contact.PDB_ins_code_1 
_pdbx_validate_close_contact.label_alt_id_1 
_pdbx_validate_close_contact.auth_atom_id_2 
_pdbx_validate_close_contact.auth_asym_id_2 
_pdbx_validate_close_contact.auth_comp_id_2 
_pdbx_validate_close_contact.auth_seq_id_2 
_pdbx_validate_close_contact.PDB_ins_code_2 
_pdbx_validate_close_contact.label_alt_id_2 
_pdbx_validate_close_contact.dist 
1 1 OP2 AAA G 7  ? ? O AAA HOH 101 ? ? 2.08 
2 1 O4  AAA U 11 ? ? O AAA HOH 102 ? ? 2.10 
# 
loop_
_pdbx_validate_rmsd_angle.id 
_pdbx_validate_rmsd_angle.PDB_model_num 
_pdbx_validate_rmsd_angle.auth_atom_id_1 
_pdbx_validate_rmsd_angle.auth_asym_id_1 
_pdbx_validate_rmsd_angle.auth_comp_id_1 
_pdbx_validate_rmsd_angle.auth_seq_id_1 
_pdbx_validate_rmsd_angle.PDB_ins_code_1 
_pdbx_validate_rmsd_angle.label_alt_id_1 
_pdbx_validate_rmsd_angle.auth_atom_id_2 
_pdbx_validate_rmsd_angle.auth_asym_id_2 
_pdbx_validate_rmsd_angle.auth_comp_id_2 
_pdbx_validate_rmsd_angle.auth_seq_id_2 
_pdbx_validate_rmsd_angle.PDB_ins_code_2 
_pdbx_validate_rmsd_angle.label_alt_id_2 
_pdbx_validate_rmsd_angle.auth_atom_id_3 
_pdbx_validate_rmsd_angle.auth_asym_id_3 
_pdbx_validate_rmsd_angle.auth_comp_id_3 
_pdbx_validate_rmsd_angle.auth_seq_id_3 
_pdbx_validate_rmsd_angle.PDB_ins_code_3 
_pdbx_validate_rmsd_angle.label_alt_id_3 
_pdbx_validate_rmsd_angle.angle_value 
_pdbx_validate_rmsd_angle.angle_target_value 
_pdbx_validate_rmsd_angle.angle_deviation 
_pdbx_validate_rmsd_angle.angle_standard_deviation 
_pdbx_validate_rmsd_angle.linker_flag 
1 1 "O3'" AAA G 2  ? ? P  AAA A 3  ? ? OP2 AAA A 3  ? ? 117.76 110.50 7.26  1.10 Y 
2 1 N1    AAA G 4  ? ? C6 AAA G 4  ? ? O6  AAA G 4  ? ? 124.09 119.90 4.19  0.60 N 
3 1 "O3'" AAA A 5  ? ? P  AAA A 6  ? ? OP2 AAA A 6  ? ? 119.38 110.50 8.88  1.10 Y 
4 1 "O3'" AAA U 9  ? ? P  AAA C 10 ? ? OP2 AAA C 10 ? ? 119.87 110.50 9.37  1.10 Y 
5 1 "O5'" AAA U 11 ? ? P  AAA U 11 ? ? OP2 AAA U 11 ? ? 98.95  105.70 -6.75 0.90 N 
# 
loop_
_pdbx_struct_special_symmetry.id 
_pdbx_struct_special_symmetry.PDB_model_num 
_pdbx_struct_special_symmetry.auth_asym_id 
_pdbx_struct_special_symmetry.auth_comp_id 
_pdbx_struct_special_symmetry.auth_seq_id 
_pdbx_struct_special_symmetry.PDB_ins_code 
_pdbx_struct_special_symmetry.label_asym_id 
_pdbx_struct_special_symmetry.label_comp_id 
_pdbx_struct_special_symmetry.label_seq_id 
1 1 AAA HOH 103 ? B HOH . 
2 1 AAA HOH 104 ? B HOH . 
3 1 AAA HOH 123 ? B HOH . 
4 1 AAA HOH 124 ? B HOH . 
5 1 AAA HOH 135 ? B HOH . 
# 
_pdbx_distant_solvent_atoms.id                                1 
_pdbx_distant_solvent_atoms.PDB_model_num                     1 
_pdbx_distant_solvent_atoms.auth_atom_id                      O 
_pdbx_distant_solvent_atoms.label_alt_id                      ? 
_pdbx_distant_solvent_atoms.auth_asym_id                      AAA 
_pdbx_distant_solvent_atoms.auth_comp_id                      HOH 
_pdbx_distant_solvent_atoms.auth_seq_id                       155 
_pdbx_distant_solvent_atoms.PDB_ins_code                      ? 
_pdbx_distant_solvent_atoms.neighbor_macromolecule_distance   6.10 
_pdbx_distant_solvent_atoms.neighbor_ligand_distance          . 
# 
loop_
_chem_comp_atom.comp_id 
_chem_comp_atom.atom_id 
_chem_comp_atom.type_symbol 
_chem_comp_atom.pdbx_aromatic_flag 
_chem_comp_atom.pdbx_stereo_config 
_chem_comp_atom.pdbx_ordinal 
A   OP3    O N N 1   
A   P      P N N 2   
A   OP1    O N N 3   
A   OP2    O N N 4   
A   "O5'"  O N N 5   
A   "C5'"  C N N 6   
A   "C4'"  C N R 7   
A   "O4'"  O N N 8   
A   "C3'"  C N S 9   
A   "O3'"  O N N 10  
A   "C2'"  C N R 11  
A   "O2'"  O N N 12  
A   "C1'"  C N R 13  
A   N9     N Y N 14  
A   C8     C Y N 15  
A   N7     N Y N 16  
A   C5     C Y N 17  
A   C6     C Y N 18  
A   N6     N N N 19  
A   N1     N Y N 20  
A   C2     C Y N 21  
A   N3     N Y N 22  
A   C4     C Y N 23  
A   HOP3   H N N 24  
A   HOP2   H N N 25  
A   "H5'"  H N N 26  
A   "H5''" H N N 27  
A   "H4'"  H N N 28  
A   "H3'"  H N N 29  
A   "HO3'" H N N 30  
A   "H2'"  H N N 31  
A   "HO2'" H N N 32  
A   "H1'"  H N N 33  
A   H8     H N N 34  
A   H61    H N N 35  
A   H62    H N N 36  
A   H2     H N N 37  
C   OP3    O N N 38  
C   P      P N N 39  
C   OP1    O N N 40  
C   OP2    O N N 41  
C   "O5'"  O N N 42  
C   "C5'"  C N N 43  
C   "C4'"  C N R 44  
C   "O4'"  O N N 45  
C   "C3'"  C N S 46  
C   "O3'"  O N N 47  
C   "C2'"  C N R 48  
C   "O2'"  O N N 49  
C   "C1'"  C N R 50  
C   N1     N N N 51  
C   C2     C N N 52  
C   O2     O N N 53  
C   N3     N N N 54  
C   C4     C N N 55  
C   N4     N N N 56  
C   C5     C N N 57  
C   C6     C N N 58  
C   HOP3   H N N 59  
C   HOP2   H N N 60  
C   "H5'"  H N N 61  
C   "H5''" H N N 62  
C   "H4'"  H N N 63  
C   "H3'"  H N N 64  
C   "HO3'" H N N 65  
C   "H2'"  H N N 66  
C   "HO2'" H N N 67  
C   "H1'"  H N N 68  
C   H41    H N N 69  
C   H42    H N N 70  
C   H5     H N N 71  
C   H6     H N N 72  
G   OP3    O N N 73  
G   P      P N N 74  
G   OP1    O N N 75  
G   OP2    O N N 76  
G   "O5'"  O N N 77  
G   "C5'"  C N N 78  
G   "C4'"  C N R 79  
G   "O4'"  O N N 80  
G   "C3'"  C N S 81  
G   "O3'"  O N N 82  
G   "C2'"  C N R 83  
G   "O2'"  O N N 84  
G   "C1'"  C N R 85  
G   N9     N Y N 86  
G   C8     C Y N 87  
G   N7     N Y N 88  
G   C5     C Y N 89  
G   C6     C N N 90  
G   O6     O N N 91  
G   N1     N N N 92  
G   C2     C N N 93  
G   N2     N N N 94  
G   N3     N N N 95  
G   C4     C Y N 96  
G   HOP3   H N N 97  
G   HOP2   H N N 98  
G   "H5'"  H N N 99  
G   "H5''" H N N 100 
G   "H4'"  H N N 101 
G   "H3'"  H N N 102 
G   "HO3'" H N N 103 
G   "H2'"  H N N 104 
G   "HO2'" H N N 105 
G   "H1'"  H N N 106 
G   H8     H N N 107 
G   H1     H N N 108 
G   H21    H N N 109 
G   H22    H N N 110 
HOH O      O N N 111 
HOH H1     H N N 112 
HOH H2     H N N 113 
U   OP3    O N N 114 
U   P      P N N 115 
U   OP1    O N N 116 
U   OP2    O N N 117 
U   "O5'"  O N N 118 
U   "C5'"  C N N 119 
U   "C4'"  C N R 120 
U   "O4'"  O N N 121 
U   "C3'"  C N S 122 
U   "O3'"  O N N 123 
U   "C2'"  C N R 124 
U   "O2'"  O N N 125 
U   "C1'"  C N R 126 
U   N1     N N N 127 
U   C2     C N N 128 
U   O2     O N N 129 
U   N3     N N N 130 
U   C4     C N N 131 
U   O4     O N N 132 
U   C5     C N N 133 
U   C6     C N N 134 
U   HOP3   H N N 135 
U   HOP2   H N N 136 
U   "H5'"  H N N 137 
U   "H5''" H N N 138 
U   "H4'"  H N N 139 
U   "H3'"  H N N 140 
U   "HO3'" H N N 141 
U   "H2'"  H N N 142 
U   "HO2'" H N N 143 
U   "H1'"  H N N 144 
U   H3     H N N 145 
U   H5     H N N 146 
U   H6     H N N 147 
# 
loop_
_chem_comp_bond.comp_id 
_chem_comp_bond.atom_id_1 
_chem_comp_bond.atom_id_2 
_chem_comp_bond.value_order 
_chem_comp_bond.pdbx_aromatic_flag 
_chem_comp_bond.pdbx_stereo_config 
_chem_comp_bond.pdbx_ordinal 
A   OP3   P      sing N N 1   
A   OP3   HOP3   sing N N 2   
A   P     OP1    doub N N 3   
A   P     OP2    sing N N 4   
A   P     "O5'"  sing N N 5   
A   OP2   HOP2   sing N N 6   
A   "O5'" "C5'"  sing N N 7   
A   "C5'" "C4'"  sing N N 8   
A   "C5'" "H5'"  sing N N 9   
A   "C5'" "H5''" sing N N 10  
A   "C4'" "O4'"  sing N N 11  
A   "C4'" "C3'"  sing N N 12  
A   "C4'" "H4'"  sing N N 13  
A   "O4'" "C1'"  sing N N 14  
A   "C3'" "O3'"  sing N N 15  
A   "C3'" "C2'"  sing N N 16  
A   "C3'" "H3'"  sing N N 17  
A   "O3'" "HO3'" sing N N 18  
A   "C2'" "O2'"  sing N N 19  
A   "C2'" "C1'"  sing N N 20  
A   "C2'" "H2'"  sing N N 21  
A   "O2'" "HO2'" sing N N 22  
A   "C1'" N9     sing N N 23  
A   "C1'" "H1'"  sing N N 24  
A   N9    C8     sing Y N 25  
A   N9    C4     sing Y N 26  
A   C8    N7     doub Y N 27  
A   C8    H8     sing N N 28  
A   N7    C5     sing Y N 29  
A   C5    C6     sing Y N 30  
A   C5    C4     doub Y N 31  
A   C6    N6     sing N N 32  
A   C6    N1     doub Y N 33  
A   N6    H61    sing N N 34  
A   N6    H62    sing N N 35  
A   N1    C2     sing Y N 36  
A   C2    N3     doub Y N 37  
A   C2    H2     sing N N 38  
A   N3    C4     sing Y N 39  
C   OP3   P      sing N N 40  
C   OP3   HOP3   sing N N 41  
C   P     OP1    doub N N 42  
C   P     OP2    sing N N 43  
C   P     "O5'"  sing N N 44  
C   OP2   HOP2   sing N N 45  
C   "O5'" "C5'"  sing N N 46  
C   "C5'" "C4'"  sing N N 47  
C   "C5'" "H5'"  sing N N 48  
C   "C5'" "H5''" sing N N 49  
C   "C4'" "O4'"  sing N N 50  
C   "C4'" "C3'"  sing N N 51  
C   "C4'" "H4'"  sing N N 52  
C   "O4'" "C1'"  sing N N 53  
C   "C3'" "O3'"  sing N N 54  
C   "C3'" "C2'"  sing N N 55  
C   "C3'" "H3'"  sing N N 56  
C   "O3'" "HO3'" sing N N 57  
C   "C2'" "O2'"  sing N N 58  
C   "C2'" "C1'"  sing N N 59  
C   "C2'" "H2'"  sing N N 60  
C   "O2'" "HO2'" sing N N 61  
C   "C1'" N1     sing N N 62  
C   "C1'" "H1'"  sing N N 63  
C   N1    C2     sing N N 64  
C   N1    C6     sing N N 65  
C   C2    O2     doub N N 66  
C   C2    N3     sing N N 67  
C   N3    C4     doub N N 68  
C   C4    N4     sing N N 69  
C   C4    C5     sing N N 70  
C   N4    H41    sing N N 71  
C   N4    H42    sing N N 72  
C   C5    C6     doub N N 73  
C   C5    H5     sing N N 74  
C   C6    H6     sing N N 75  
G   OP3   P      sing N N 76  
G   OP3   HOP3   sing N N 77  
G   P     OP1    doub N N 78  
G   P     OP2    sing N N 79  
G   P     "O5'"  sing N N 80  
G   OP2   HOP2   sing N N 81  
G   "O5'" "C5'"  sing N N 82  
G   "C5'" "C4'"  sing N N 83  
G   "C5'" "H5'"  sing N N 84  
G   "C5'" "H5''" sing N N 85  
G   "C4'" "O4'"  sing N N 86  
G   "C4'" "C3'"  sing N N 87  
G   "C4'" "H4'"  sing N N 88  
G   "O4'" "C1'"  sing N N 89  
G   "C3'" "O3'"  sing N N 90  
G   "C3'" "C2'"  sing N N 91  
G   "C3'" "H3'"  sing N N 92  
G   "O3'" "HO3'" sing N N 93  
G   "C2'" "O2'"  sing N N 94  
G   "C2'" "C1'"  sing N N 95  
G   "C2'" "H2'"  sing N N 96  
G   "O2'" "HO2'" sing N N 97  
G   "C1'" N9     sing N N 98  
G   "C1'" "H1'"  sing N N 99  
G   N9    C8     sing Y N 100 
G   N9    C4     sing Y N 101 
G   C8    N7     doub Y N 102 
G   C8    H8     sing N N 103 
G   N7    C5     sing Y N 104 
G   C5    C6     sing N N 105 
G   C5    C4     doub Y N 106 
G   C6    O6     doub N N 107 
G   C6    N1     sing N N 108 
G   N1    C2     sing N N 109 
G   N1    H1     sing N N 110 
G   C2    N2     sing N N 111 
G   C2    N3     doub N N 112 
G   N2    H21    sing N N 113 
G   N2    H22    sing N N 114 
G   N3    C4     sing N N 115 
HOH O     H1     sing N N 116 
HOH O     H2     sing N N 117 
U   OP3   P      sing N N 118 
U   OP3   HOP3   sing N N 119 
U   P     OP1    doub N N 120 
U   P     OP2    sing N N 121 
U   P     "O5'"  sing N N 122 
U   OP2   HOP2   sing N N 123 
U   "O5'" "C5'"  sing N N 124 
U   "C5'" "C4'"  sing N N 125 
U   "C5'" "H5'"  sing N N 126 
U   "C5'" "H5''" sing N N 127 
U   "C4'" "O4'"  sing N N 128 
U   "C4'" "C3'"  sing N N 129 
U   "C4'" "H4'"  sing N N 130 
U   "O4'" "C1'"  sing N N 131 
U   "C3'" "O3'"  sing N N 132 
U   "C3'" "C2'"  sing N N 133 
U   "C3'" "H3'"  sing N N 134 
U   "O3'" "HO3'" sing N N 135 
U   "C2'" "O2'"  sing N N 136 
U   "C2'" "C1'"  sing N N 137 
U   "C2'" "H2'"  sing N N 138 
U   "O2'" "HO2'" sing N N 139 
U   "C1'" N1     sing N N 140 
U   "C1'" "H1'"  sing N N 141 
U   N1    C2     sing N N 142 
U   N1    C6     sing N N 143 
U   C2    O2     doub N N 144 
U   C2    N3     sing N N 145 
U   N3    C4     sing N N 146 
U   N3    H3     sing N N 147 
U   C4    O4     doub N N 148 
U   C4    C5     sing N N 149 
U   C5    C6     doub N N 150 
U   C5    H5     sing N N 151 
U   C6    H6     sing N N 152 
# 
loop_
_ndb_struct_conf_na.entry_id 
_ndb_struct_conf_na.feature 
8FEP 'double helix'         
8FEP 'a-form double helix'  
8FEP 'mismatched base pair' 
# 
loop_
_ndb_struct_na_base_pair.model_number 
_ndb_struct_na_base_pair.i_label_asym_id 
_ndb_struct_na_base_pair.i_label_comp_id 
_ndb_struct_na_base_pair.i_label_seq_id 
_ndb_struct_na_base_pair.i_symmetry 
_ndb_struct_na_base_pair.j_label_asym_id 
_ndb_struct_na_base_pair.j_label_comp_id 
_ndb_struct_na_base_pair.j_label_seq_id 
_ndb_struct_na_base_pair.j_symmetry 
_ndb_struct_na_base_pair.shear 
_ndb_struct_na_base_pair.stretch 
_ndb_struct_na_base_pair.stagger 
_ndb_struct_na_base_pair.buckle 
_ndb_struct_na_base_pair.propeller 
_ndb_struct_na_base_pair.opening 
_ndb_struct_na_base_pair.pair_number 
_ndb_struct_na_base_pair.pair_name 
_ndb_struct_na_base_pair.i_auth_asym_id 
_ndb_struct_na_base_pair.i_auth_seq_id 
_ndb_struct_na_base_pair.i_PDB_ins_code 
_ndb_struct_na_base_pair.j_auth_asym_id 
_ndb_struct_na_base_pair.j_auth_seq_id 
_ndb_struct_na_base_pair.j_PDB_ins_code 
_ndb_struct_na_base_pair.hbond_type_28 
_ndb_struct_na_base_pair.hbond_type_12 
1 A A 1  1_555 A U 16 6_555 0.073  -0.110 0.106  1.236  -7.935  0.598  1  AAA_A1:U16_AAA AAA 1  ? AAA 16 ? 20 1 
1 A G 2  1_555 A C 15 6_555 -0.353 -0.248 -0.152 -3.804 -13.621 -1.595 2  AAA_G2:C15_AAA AAA 2  ? AAA 15 ? 19 1 
1 A A 3  1_555 A U 14 6_555 0.009  -0.107 0.041  -0.874 -12.098 1.723  3  AAA_A3:U14_AAA AAA 3  ? AAA 14 ? 20 1 
1 A G 4  1_555 A C 13 6_555 -0.167 -0.187 -0.223 -5.190 -13.827 -1.844 4  AAA_G4:C13_AAA AAA 4  ? AAA 13 ? 19 1 
1 A A 5  1_555 A U 12 6_555 0.070  -0.091 -0.031 -7.039 -10.387 2.439  5  AAA_A5:U12_AAA AAA 5  ? AAA 12 ? 20 1 
1 A A 6  1_555 A U 11 6_555 0.081  -0.079 -0.018 -2.545 -11.201 0.882  6  AAA_A6:U11_AAA AAA 6  ? AAA 11 ? 20 1 
1 A G 7  1_555 A C 10 6_555 -0.147 -0.122 0.107  1.415  -13.570 1.638  7  AAA_G7:C10_AAA AAA 7  ? AAA 10 ? 19 1 
1 A U 8  1_555 A U 9  6_555 2.390  -1.841 0.199  4.700  -17.497 12.827 8  AAA_U8:U9_AAA  AAA 8  ? AAA 9  ? 16 1 
1 A U 9  1_555 A U 8  6_555 -2.390 -1.841 0.199  -4.700 -17.497 12.827 9  AAA_U9:U8_AAA  AAA 9  ? AAA 8  ? 16 1 
1 A C 10 1_555 A G 7  6_555 0.147  -0.122 0.107  -1.415 -13.570 1.638  10 AAA_C10:G7_AAA AAA 10 ? AAA 7  ? 19 1 
1 A U 11 1_555 A A 6  6_555 -0.081 -0.079 -0.018 2.545  -11.201 0.882  11 AAA_U11:A6_AAA AAA 11 ? AAA 6  ? 20 1 
1 A U 12 1_555 A A 5  6_555 -0.070 -0.091 -0.031 7.039  -10.387 2.439  12 AAA_U12:A5_AAA AAA 12 ? AAA 5  ? 20 1 
1 A C 13 1_555 A G 4  6_555 0.167  -0.187 -0.223 5.190  -13.827 -1.844 13 AAA_C13:G4_AAA AAA 13 ? AAA 4  ? 19 1 
1 A U 14 1_555 A A 3  6_555 -0.009 -0.107 0.041  0.874  -12.098 1.723  14 AAA_U14:A3_AAA AAA 14 ? AAA 3  ? 20 1 
1 A C 15 1_555 A G 2  6_555 0.353  -0.248 -0.152 3.804  -13.621 -1.595 15 AAA_C15:G2_AAA AAA 15 ? AAA 2  ? 19 1 
1 A U 16 1_555 A A 1  6_555 -0.073 -0.110 0.106  -1.236 -7.935  0.598  16 AAA_U16:A1_AAA AAA 16 ? AAA 1  ? 20 1 
# 
loop_
_ndb_struct_na_base_pair_step.model_number 
_ndb_struct_na_base_pair_step.i_label_asym_id_1 
_ndb_struct_na_base_pair_step.i_label_comp_id_1 
_ndb_struct_na_base_pair_step.i_label_seq_id_1 
_ndb_struct_na_base_pair_step.i_symmetry_1 
_ndb_struct_na_base_pair_step.j_label_asym_id_1 
_ndb_struct_na_base_pair_step.j_label_comp_id_1 
_ndb_struct_na_base_pair_step.j_label_seq_id_1 
_ndb_struct_na_base_pair_step.j_symmetry_1 
_ndb_struct_na_base_pair_step.i_label_asym_id_2 
_ndb_struct_na_base_pair_step.i_label_comp_id_2 
_ndb_struct_na_base_pair_step.i_label_seq_id_2 
_ndb_struct_na_base_pair_step.i_symmetry_2 
_ndb_struct_na_base_pair_step.j_label_asym_id_2 
_ndb_struct_na_base_pair_step.j_label_comp_id_2 
_ndb_struct_na_base_pair_step.j_label_seq_id_2 
_ndb_struct_na_base_pair_step.j_symmetry_2 
_ndb_struct_na_base_pair_step.shift 
_ndb_struct_na_base_pair_step.slide 
_ndb_struct_na_base_pair_step.rise 
_ndb_struct_na_base_pair_step.tilt 
_ndb_struct_na_base_pair_step.roll 
_ndb_struct_na_base_pair_step.twist 
_ndb_struct_na_base_pair_step.x_displacement 
_ndb_struct_na_base_pair_step.y_displacement 
_ndb_struct_na_base_pair_step.helical_rise 
_ndb_struct_na_base_pair_step.inclination 
_ndb_struct_na_base_pair_step.tip 
_ndb_struct_na_base_pair_step.helical_twist 
_ndb_struct_na_base_pair_step.step_number 
_ndb_struct_na_base_pair_step.step_name 
_ndb_struct_na_base_pair_step.i_auth_asym_id_1 
_ndb_struct_na_base_pair_step.i_auth_seq_id_1 
_ndb_struct_na_base_pair_step.i_PDB_ins_code_1 
_ndb_struct_na_base_pair_step.j_auth_asym_id_1 
_ndb_struct_na_base_pair_step.j_auth_seq_id_1 
_ndb_struct_na_base_pair_step.j_PDB_ins_code_1 
_ndb_struct_na_base_pair_step.i_auth_asym_id_2 
_ndb_struct_na_base_pair_step.i_auth_seq_id_2 
_ndb_struct_na_base_pair_step.i_PDB_ins_code_2 
_ndb_struct_na_base_pair_step.j_auth_asym_id_2 
_ndb_struct_na_base_pair_step.j_auth_seq_id_2 
_ndb_struct_na_base_pair_step.j_PDB_ins_code_2 
1 A A 1  1_555 A U 16 6_555 A G 2  1_555 A C 15 6_555 -0.605 -1.296 3.326 -0.174 6.223  34.123 -3.114 0.989  3.053 10.496 0.294  
34.670 1  AAAAAA_A1G2:C15U16_AAAAAA AAA 1  ? AAA 16 ? AAA 2  ? AAA 15 ? 
1 A G 2  1_555 A C 15 6_555 A A 3  1_555 A U 14 6_555 0.522  -1.189 3.164 -0.663 5.464  33.700 -2.838 -0.988 2.930 9.347  1.135  
34.134 2  AAAAAA_G2A3:U14C15_AAAAAA AAA 2  ? AAA 15 ? AAA 3  ? AAA 14 ? 
1 A A 3  1_555 A U 14 6_555 A G 4  1_555 A C 13 6_555 -0.053 -1.639 3.390 0.521  10.422 30.333 -4.767 0.186  2.692 19.216 -0.962 
32.038 3  AAAAAA_A3G4:C13U14_AAAAAA AAA 3  ? AAA 14 ? AAA 4  ? AAA 13 ? 
1 A G 4  1_555 A C 13 6_555 A A 5  1_555 A U 12 6_555 0.323  -1.721 3.275 -1.344 11.297 31.928 -4.621 -0.753 2.523 19.769 2.352  
33.845 4  AAAAAA_G4A5:U12C13_AAAAAA AAA 4  ? AAA 13 ? AAA 5  ? AAA 12 ? 
1 A A 5  1_555 A U 12 6_555 A A 6  1_555 A U 11 6_555 0.229  -1.719 3.165 2.977  9.000  30.794 -4.546 0.066  2.583 16.465 -5.446 
32.186 5  AAAAAA_A5A6:U11U12_AAAAAA AAA 5  ? AAA 12 ? AAA 6  ? AAA 11 ? 
1 A A 6  1_555 A U 11 6_555 A G 7  1_555 A C 10 6_555 0.308  -2.272 3.093 0.134  9.285  22.638 -7.714 -0.693 2.017 22.475 -0.324 
24.445 6  AAAAAA_A6G7:C10U11_AAAAAA AAA 6  ? AAA 11 ? AAA 7  ? AAA 10 ? 
1 A G 7  1_555 A C 10 6_555 A U 8  1_555 A U 9  6_555 0.570  -0.853 3.242 0.075  3.387  42.982 -1.488 -0.769 3.170 4.614  -0.102 
43.109 7  AAAAAA_G7U8:U9C10_AAAAAA  AAA 7  ? AAA 10 ? AAA 8  ? AAA 9  ? 
1 A U 8  1_555 A U 9  6_555 A U 9  1_555 A U 8  6_555 0.000  -2.169 2.957 0.000  12.518 20.629 -8.098 0.000  1.422 31.490 0.000  
24.095 8  AAAAAA_U8U9:U8U9_AAAAAA   AAA 8  ? AAA 9  ? AAA 9  ? AAA 8  ? 
1 A U 9  1_555 A U 8  6_555 A C 10 1_555 A G 7  6_555 -0.570 -0.853 3.242 -0.075 3.387  42.982 -1.488 0.769  3.170 4.614  0.102  
43.109 9  AAAAAA_U9C10:G7U8_AAAAAA  AAA 9  ? AAA 8  ? AAA 10 ? AAA 7  ? 
1 A C 10 1_555 A G 7  6_555 A U 11 1_555 A A 6  6_555 -0.308 -2.272 3.093 -0.134 9.285  22.638 -7.714 0.693  2.017 22.475 0.324  
24.445 10 AAAAAA_C10U11:A6G7_AAAAAA AAA 10 ? AAA 7  ? AAA 11 ? AAA 6  ? 
1 A U 11 1_555 A A 6  6_555 A U 12 1_555 A A 5  6_555 -0.229 -1.719 3.165 -2.977 9.000  30.794 -4.546 -0.066 2.583 16.465 5.446  
32.186 11 AAAAAA_U11U12:A5A6_AAAAAA AAA 11 ? AAA 6  ? AAA 12 ? AAA 5  ? 
1 A U 12 1_555 A A 5  6_555 A C 13 1_555 A G 4  6_555 -0.323 -1.721 3.275 1.344  11.297 31.928 -4.621 0.753  2.523 19.769 -2.352 
33.845 12 AAAAAA_U12C13:G4A5_AAAAAA AAA 12 ? AAA 5  ? AAA 13 ? AAA 4  ? 
1 A C 13 1_555 A G 4  6_555 A U 14 1_555 A A 3  6_555 0.053  -1.639 3.390 -0.521 10.422 30.333 -4.767 -0.186 2.692 19.216 0.962  
32.038 13 AAAAAA_C13U14:A3G4_AAAAAA AAA 13 ? AAA 4  ? AAA 14 ? AAA 3  ? 
1 A U 14 1_555 A A 3  6_555 A C 15 1_555 A G 2  6_555 -0.522 -1.189 3.164 0.663  5.464  33.700 -2.838 0.988  2.930 9.347  -1.135 
34.134 14 AAAAAA_U14C15:G2A3_AAAAAA AAA 14 ? AAA 3  ? AAA 15 ? AAA 2  ? 
1 A C 15 1_555 A G 2  6_555 A U 16 1_555 A A 1  6_555 0.605  -1.296 3.326 0.174  6.223  34.123 -3.114 -0.989 3.053 10.496 -0.294 
34.670 15 AAAAAA_C15U16:A1G2_AAAAAA AAA 15 ? AAA 2  ? AAA 16 ? AAA 1  ? 
# 
loop_
_pdbx_audit_support.funding_organization 
_pdbx_audit_support.country 
_pdbx_audit_support.grant_number 
_pdbx_audit_support.ordinal 
'Simons Foundation'                      'United States' 290363FY18 1 
'Howard Hughes Medical Institute (HHMI)' 'United States' ?          2 
# 
_pdbx_initial_refinement_model.id               1 
_pdbx_initial_refinement_model.entity_id_list   ? 
_pdbx_initial_refinement_model.type             'experimental model' 
_pdbx_initial_refinement_model.source_name      PDB 
_pdbx_initial_refinement_model.accession_code   3ND4 
_pdbx_initial_refinement_model.details          ? 
# 
_atom_sites.entry_id                    8FEP 
_atom_sites.Cartn_transf_matrix[1][1]   ? 
_atom_sites.Cartn_transf_matrix[1][2]   ? 
_atom_sites.Cartn_transf_matrix[1][3]   ? 
_atom_sites.Cartn_transf_matrix[2][1]   ? 
_atom_sites.Cartn_transf_matrix[2][2]   ? 
_atom_sites.Cartn_transf_matrix[2][3]   ? 
_atom_sites.Cartn_transf_matrix[3][1]   ? 
_atom_sites.Cartn_transf_matrix[3][2]   ? 
_atom_sites.Cartn_transf_matrix[3][3]   ? 
_atom_sites.Cartn_transf_vector[1]      ? 
_atom_sites.Cartn_transf_vector[2]      ? 
_atom_sites.Cartn_transf_vector[3]      ? 
_atom_sites.fract_transf_matrix[1][1]   0.00157556 
_atom_sites.fract_transf_matrix[1][2]   -0.02604395 
_atom_sites.fract_transf_matrix[1][3]   -0.00924038 
_atom_sites.fract_transf_matrix[2][1]   0.00939361 
_atom_sites.fract_transf_matrix[2][2]   -0.00508053 
_atom_sites.fract_transf_matrix[2][3]   -0.02553577 
_atom_sites.fract_transf_matrix[3][1]   0.00738009 
_atom_sites.fract_transf_matrix[3][2]   -0.00055601 
_atom_sites.fract_transf_matrix[3][3]   0.00282547 
_atom_sites.fract_transf_vector[1]      -0.025828 
_atom_sites.fract_transf_vector[2]      -0.437175 
_atom_sites.fract_transf_vector[3]      0.014876 
_atom_sites.solution_primary            ? 
_atom_sites.solution_secondary          ? 
_atom_sites.solution_hydrogens          ? 
_atom_sites.special_details             ? 
# 
loop_
_atom_type.symbol 
_atom_type.pdbx_scat_Z 
_atom_type.pdbx_N_electrons 
_atom_type.scat_Cromer_Mann_a1 
_atom_type.scat_Cromer_Mann_b1 
_atom_type.scat_Cromer_Mann_a2 
_atom_type.scat_Cromer_Mann_b2 
_atom_type.scat_Cromer_Mann_a3 
_atom_type.scat_Cromer_Mann_b3 
_atom_type.scat_Cromer_Mann_a4 
_atom_type.scat_Cromer_Mann_b4 
_atom_type.scat_Cromer_Mann_c 
C 6  6  2.310  20.844 1.020 10.208 1.589 0.569  0.865 51.651 0.216   
H 1  1  0.493  10.511 0.323 26.126 0.140 3.142  0.041 57.800 0.003   
N 7  7  12.222 0.006  3.135 9.893  2.014 28.997 1.167 0.583  -11.538 
O 8  8  3.049  13.277 2.287 5.701  1.546 0.324  0.867 32.909 0.251   
P 15 15 6.435  1.907  4.179 27.157 1.780 0.526  1.491 68.164 1.115   
# 
loop_
_atom_site.group_PDB 
_atom_site.id 
_atom_site.type_symbol 
_atom_site.label_atom_id 
_atom_site.label_alt_id 
_atom_site.label_comp_id 
_atom_site.label_asym_id 
_atom_site.label_entity_id 
_atom_site.label_seq_id 
_atom_site.pdbx_PDB_ins_code 
_atom_site.Cartn_x 
_atom_site.Cartn_y 
_atom_site.Cartn_z 
_atom_site.occupancy 
_atom_site.B_iso_or_equiv 
_atom_site.pdbx_formal_charge 
_atom_site.auth_seq_id 
_atom_site.auth_comp_id 
_atom_site.auth_asym_id 
_atom_site.auth_atom_id 
_atom_site.pdbx_PDB_model_num 
_atom_site.calc_flag 
ATOM   1   O "O5'" . A   A 1 1  ? -15.154 7.614   -10.043 1.000 35.256 0 1   A   AAA "O5'" 1 ? 
ATOM   2   C "C5'" . A   A 1 1  ? -15.075 8.955   -9.543  1.000 28.968 0 1   A   AAA "C5'" 1 ? 
ATOM   3   C "C4'" . A   A 1 1  ? -16.093 9.199   -8.461  1.000 26.374 0 1   A   AAA "C4'" 1 ? 
ATOM   4   O "O4'" . A   A 1 1  ? -17.376 8.717   -8.886  1.000 24.145 0 1   A   AAA "O4'" 1 ? 
ATOM   5   C "C3'" . A   A 1 1  ? -15.866 8.480   -7.121  1.000 26.644 0 1   A   AAA "C3'" 1 ? 
ATOM   6   O "O3'" . A   A 1 1  ? -15.003 9.193   -6.231  1.000 26.623 0 1   A   AAA "O3'" 1 ? 
ATOM   7   C "C2'" . A   A 1 1  ? -17.278 8.490   -6.538  1.000 24.538 0 1   A   AAA "C2'" 1 ? 
ATOM   8   O "O2'" . A   A 1 1  ? -17.633 9.740   -5.985  1.000 25.908 0 1   A   AAA "O2'" 1 ? 
ATOM   9   C "C1'" . A   A 1 1  ? -18.061 8.144   -7.788  1.000 23.285 0 1   A   AAA "C1'" 1 ? 
ATOM   10  N N9    . A   A 1 1  ? -18.261 6.733   -8.098  1.000 21.439 0 1   A   AAA N9    1 ? 
ATOM   11  C C8    . A   A 1 1  ? -17.795 6.043   -9.184  1.000 21.689 0 1   A   AAA C8    1 ? 
ATOM   12  N N7    . A   A 1 1  ? -18.281 4.836   -9.307  1.000 21.725 0 1   A   AAA N7    1 ? 
ATOM   13  C C5    . A   A 1 1  ? -19.091 4.707   -8.184  1.000 18.398 0 1   A   AAA C5    1 ? 
ATOM   14  C C6    . A   A 1 1  ? -19.924 3.667   -7.750  1.000 19.852 0 1   A   AAA C6    1 ? 
ATOM   15  N N6    . A   A 1 1  ? -20.029 2.507   -8.394  1.000 20.777 0 1   A   AAA N6    1 ? 
ATOM   16  N N1    . A   A 1 1  ? -20.631 3.851   -6.612  1.000 19.741 0 1   A   AAA N1    1 ? 
ATOM   17  C C2    . A   A 1 1  ? -20.575 5.035   -6.015  1.000 20.173 0 1   A   AAA C2    1 ? 
ATOM   18  N N3    . A   A 1 1  ? -19.849 6.086   -6.335  1.000 21.520 0 1   A   AAA N3    1 ? 
ATOM   19  C C4    . A   A 1 1  ? -19.108 5.864   -7.442  1.000 21.493 0 1   A   AAA C4    1 ? 
ATOM   20  P P     . G   A 1 2  ? -14.054 8.345   -5.242  1.000 26.987 0 2   G   AAA P     1 ? 
ATOM   21  O OP1   . G   A 1 2  ? -13.013 9.323   -4.727  1.000 28.271 0 2   G   AAA OP1   1 ? 
ATOM   22  O OP2   . G   A 1 2  ? -13.542 7.059   -5.867  1.000 25.516 0 2   G   AAA OP2   1 ? 
ATOM   23  O "O5'" . G   A 1 2  ? -15.065 7.942   -4.082  1.000 25.691 0 2   G   AAA "O5'" 1 ? 
ATOM   24  C "C5'" . G   A 1 2  ? -15.619 8.930   -3.219  1.000 27.953 0 2   G   AAA "C5'" 1 ? 
ATOM   25  C "C4'" . G   A 1 2  ? -16.513 8.225   -2.233  1.000 28.142 0 2   G   AAA "C4'" 1 ? 
ATOM   26  O "O4'" . G   A 1 2  ? -17.681 7.694   -2.923  1.000 24.667 0 2   G   AAA "O4'" 1 ? 
ATOM   27  C "C3'" . G   A 1 2  ? -15.919 6.990   -1.546  1.000 25.458 0 2   G   AAA "C3'" 1 ? 
ATOM   28  O "O3'" . G   A 1 2  ? -15.158 7.328   -0.388  1.000 28.383 0 2   G   AAA "O3'" 1 ? 
ATOM   29  C "C2'" . G   A 1 2  ? -17.194 6.290   -1.105  1.000 27.348 0 2   G   AAA "C2'" 1 ? 
ATOM   30  O "O2'" . G   A 1 2  ? -17.838 6.918   -0.021  1.000 29.094 0 2   G   AAA "O2'" 1 ? 
ATOM   31  C "C1'" . G   A 1 2  ? -18.035 6.433   -2.363  1.000 24.426 0 2   G   AAA "C1'" 1 ? 
ATOM   32  N N9    . G   A 1 2  ? -17.839 5.367   -3.350  1.000 22.079 0 2   G   AAA N9    1 ? 
ATOM   33  C C8    . G   A 1 2  ? -17.040 5.378   -4.459  1.000 20.310 0 2   G   AAA C8    1 ? 
ATOM   34  N N7    . G   A 1 2  ? -17.120 4.283   -5.174  1.000 21.457 0 2   G   AAA N7    1 ? 
ATOM   35  C C5    . G   A 1 2  ? -18.001 3.474   -4.467  1.000 19.574 0 2   G   AAA C5    1 ? 
ATOM   36  C C6    . G   A 1 2  ? -18.454 2.180   -4.775  1.000 18.556 0 2   G   AAA C6    1 ? 
ATOM   37  O O6    . G   A 1 2  ? -18.175 1.518   -5.766  1.000 20.920 0 2   G   AAA O6    1 ? 
ATOM   38  N N1    . G   A 1 2  ? -19.330 1.700   -3.791  1.000 20.666 0 2   G   AAA N1    1 ? 
ATOM   39  C C2    . G   A 1 2  ? -19.679 2.392   -2.670  1.000 20.940 0 2   G   AAA C2    1 ? 
ATOM   40  N N2    . G   A 1 2  ? -20.496 1.754   -1.811  1.000 22.345 0 2   G   AAA N2    1 ? 
ATOM   41  N N3    . G   A 1 2  ? -19.291 3.641   -2.395  1.000 22.197 0 2   G   AAA N3    1 ? 
ATOM   42  C C4    . G   A 1 2  ? -18.428 4.114   -3.327  1.000 19.541 0 2   G   AAA C4    1 ? 
ATOM   43  P P     . A   A 1 3  ? -13.893 6.397   -0.066  1.000 29.693 0 3   A   AAA P     1 ? 
ATOM   44  O OP1   . A   A 1 3  ? -13.057 6.985   1.077   1.000 32.557 0 3   A   AAA OP1   1 ? 
ATOM   45  O OP2   . A   A 1 3  ? -13.094 5.871   -1.229  1.000 31.992 0 3   A   AAA OP2   1 ? 
ATOM   46  O "O5'" . A   A 1 3  ? -14.547 5.049   0.582   1.000 26.461 0 3   A   AAA "O5'" 1 ? 
ATOM   47  C "C5'" . A   A 1 3  ? -15.450 5.161   1.702   1.000 26.207 0 3   A   AAA "C5'" 1 ? 
ATOM   48  C "C4'" . A   A 1 3  ? -16.153 3.836   1.885   1.000 25.828 0 3   A   AAA "C4'" 1 ? 
ATOM   49  O "O4'" . A   A 1 3  ? -17.013 3.572   0.752   1.000 24.645 0 3   A   AAA "O4'" 1 ? 
ATOM   50  C "C3'" . A   A 1 3  ? -15.271 2.583   1.912   1.000 27.066 0 3   A   AAA "C3'" 1 ? 
ATOM   51  O "O3'" . A   A 1 3  ? -14.636 2.380   3.170   1.000 27.003 0 3   A   AAA "O3'" 1 ? 
ATOM   52  C "C2'" . A   A 1 3  ? -16.322 1.504   1.643   1.000 24.653 0 3   A   AAA "C2'" 1 ? 
ATOM   53  O "O2'" . A   A 1 3  ? -17.194 1.260   2.718   1.000 27.060 0 3   A   AAA "O2'" 1 ? 
ATOM   54  C "C1'" . A   A 1 3  ? -17.091 2.168   0.505   1.000 23.378 0 3   A   AAA "C1'" 1 ? 
ATOM   55  N N9    . A   A 1 3  ? -16.561 1.875   -0.826  1.000 21.673 0 3   A   AAA N9    1 ? 
ATOM   56  C C8    . A   A 1 3  ? -15.704 2.651   -1.581  1.000 19.589 0 3   A   AAA C8    1 ? 
ATOM   57  N N7    . A   A 1 3  ? -15.384 2.111   -2.733  1.000 21.177 0 3   A   AAA N7    1 ? 
ATOM   58  C C5    . A   A 1 3  ? -16.109 0.927   -2.765  1.000 20.614 0 3   A   AAA C5    1 ? 
ATOM   59  C C6    . A   A 1 3  ? -16.191 -0.110  -3.713  1.000 20.424 0 3   A   AAA C6    1 ? 
ATOM   60  N N6    . A   A 1 3  ? -15.568 -0.076  -4.886  1.000 22.031 0 3   A   AAA N6    1 ? 
ATOM   61  N N1    . A   A 1 3  ? -16.930 -1.198  -3.382  1.000 22.078 0 3   A   AAA N1    1 ? 
ATOM   62  C C2    . A   A 1 3  ? -17.556 -1.236  -2.212  1.000 20.116 0 3   A   AAA C2    1 ? 
ATOM   63  N N3    . A   A 1 3  ? -17.531 -0.326  -1.242  1.000 21.016 0 3   A   AAA N3    1 ? 
ATOM   64  C C4    . A   A 1 3  ? -16.781 0.732   -1.575  1.000 19.793 0 3   A   AAA C4    1 ? 
ATOM   65  P P     . G   A 1 4  ? -13.217 1.609   3.102   1.000 29.971 0 4   G   AAA P     1 ? 
ATOM   66  O OP1   . G   A 1 4  ? -12.609 1.745   4.516   1.000 31.950 0 4   G   AAA OP1   1 ? 
ATOM   67  O OP2   . G   A 1 4  ? -12.291 2.079   2.032   1.000 31.490 0 4   G   AAA OP2   1 ? 
ATOM   68  O "O5'" . G   A 1 4  ? -13.576 0.086   2.800   1.000 28.686 0 4   G   AAA "O5'" 1 ? 
ATOM   69  C "C5'" . G   A 1 4  ? -14.384 -0.621  3.772   1.000 28.970 0 4   G   AAA "C5'" 1 ? 
ATOM   70  C "C4'" . G   A 1 4  ? -14.765 -1.975  3.225   1.000 29.646 0 4   G   AAA "C4'" 1 ? 
ATOM   71  O "O4'" . G   A 1 4  ? -15.611 -1.801  2.052   1.000 31.776 0 4   G   AAA "O4'" 1 ? 
ATOM   72  C "C3'" . G   A 1 4  ? -13.629 -2.876  2.714   1.000 30.974 0 4   G   AAA "C3'" 1 ? 
ATOM   73  O "O3'" . G   A 1 4  ? -12.915 -3.538  3.760   1.000 31.858 0 4   G   AAA "O3'" 1 ? 
ATOM   74  C "C2'" . G   A 1 4  ? -14.467 -3.873  1.903   1.000 29.041 0 4   G   AAA "C2'" 1 ? 
ATOM   75  O "O2'" . G   A 1 4  ? -15.212 -4.761  2.706   1.000 33.627 0 4   G   AAA "O2'" 1 ? 
ATOM   76  C "C1'" . G   A 1 4  ? -15.380 -2.892  1.173   1.000 30.130 0 4   G   AAA "C1'" 1 ? 
ATOM   77  N N9    . G   A 1 4  ? -14.773 -2.393  -0.048  1.000 26.495 0 4   G   AAA N9    1 ? 
ATOM   78  C C8    . G   A 1 4  ? -14.133 -1.208  -0.270  1.000 26.588 0 4   G   AAA C8    1 ? 
ATOM   79  N N7    . G   A 1 4  ? -13.681 -1.070  -1.489  1.000 27.918 0 4   G   AAA N7    1 ? 
ATOM   80  C C5    . G   A 1 4  ? -14.016 -2.279  -2.099  1.000 27.243 0 4   G   AAA C5    1 ? 
ATOM   81  C C6    . G   A 1 4  ? -13.788 -2.721  -3.430  1.000 26.467 0 4   G   AAA C6    1 ? 
ATOM   82  O O6    . G   A 1 4  ? -13.224 -2.069  -4.312  1.000 25.985 0 4   G   AAA O6    1 ? 
ATOM   83  N N1    . G   A 1 4  ? -14.266 -4.032  -3.602  1.000 24.264 0 4   G   AAA N1    1 ? 
ATOM   84  C C2    . G   A 1 4  ? -14.911 -4.782  -2.661  1.000 29.847 0 4   G   AAA C2    1 ? 
ATOM   85  N N2    . G   A 1 4  ? -15.281 -6.029  -2.982  1.000 34.859 0 4   G   AAA N2    1 ? 
ATOM   86  N N3    . G   A 1 4  ? -15.121 -4.365  -1.417  1.000 30.480 0 4   G   AAA N3    1 ? 
ATOM   87  C C4    . G   A 1 4  ? -14.664 -3.107  -1.223  1.000 27.332 0 4   G   AAA C4    1 ? 
ATOM   88  P P     . A   A 1 5  ? -11.342 -3.838  3.577   1.000 34.034 0 5   A   AAA P     1 ? 
ATOM   89  O OP1   . A   A 1 5  ? -10.901 -4.353  4.915   1.000 38.240 0 5   A   AAA OP1   1 ? 
ATOM   90  O OP2   . A   A 1 5  ? -10.595 -2.634  3.057   1.000 39.824 0 5   A   AAA OP2   1 ? 
ATOM   91  O "O5'" . A   A 1 5  ? -11.295 -5.012  2.464   1.000 30.706 0 5   A   AAA "O5'" 1 ? 
ATOM   92  C "C5'" . A   A 1 5  ? -11.903 -6.290  2.822   1.000 30.291 0 5   A   AAA "C5'" 1 ? 
ATOM   93  C "C4'" . A   A 1 5  ? -11.837 -7.270  1.679   1.000 29.400 0 5   A   AAA "C4'" 1 ? 
ATOM   94  O "O4'" . A   A 1 5  ? -12.667 -6.803  0.595   1.000 27.129 0 5   A   AAA "O4'" 1 ? 
ATOM   95  C "C3'" . A   A 1 5  ? -10.464 -7.475  1.039   1.000 25.011 0 5   A   AAA "C3'" 1 ? 
ATOM   96  O "O3'" . A   A 1 5  ? -9.661  -8.319  1.869   1.000 26.549 0 5   A   AAA "O3'" 1 ? 
ATOM   97  C "C2'" . A   A 1 5  ? -10.874 -8.086  -0.292  1.000 29.808 0 5   A   AAA "C2'" 1 ? 
ATOM   98  O "O2'" . A   A 1 5  ? -11.224 -9.455  -0.137  1.000 30.545 0 5   A   AAA "O2'" 1 ? 
ATOM   99  C "C1'" . A   A 1 5  ? -12.057 -7.154  -0.621  1.000 27.351 0 5   A   AAA "C1'" 1 ? 
ATOM   100 N N9    . A   A 1 5  ? -11.658 -5.913  -1.287  1.000 26.786 0 5   A   AAA N9    1 ? 
ATOM   101 C C8    . A   A 1 5  ? -11.514 -4.636  -0.784  1.000 25.812 0 5   A   AAA C8    1 ? 
ATOM   102 N N7    . A   A 1 5  ? -11.103 -3.782  -1.691  1.000 25.240 0 5   A   AAA N7    1 ? 
ATOM   103 C C5    . A   A 1 5  ? -10.969 -4.538  -2.855  1.000 22.316 0 5   A   AAA C5    1 ? 
ATOM   104 C C6    . A   A 1 5  ? -10.601 -4.233  -4.188  1.000 25.147 0 5   A   AAA C6    1 ? 
ATOM   105 N N6    . A   A 1 5  ? -10.255 -3.017  -4.600  1.000 25.512 0 5   A   AAA N6    1 ? 
ATOM   106 N N1    . A   A 1 5  ? -10.593 -5.235  -5.100  1.000 26.405 0 5   A   AAA N1    1 ? 
ATOM   107 C C2    . A   A 1 5  ? -10.938 -6.462  -4.705  1.000 27.916 0 5   A   AAA C2    1 ? 
ATOM   108 N N3    . A   A 1 5  ? -11.334 -6.864  -3.501  1.000 25.394 0 5   A   AAA N3    1 ? 
ATOM   109 C C4    . A   A 1 5  ? -11.345 -5.850  -2.618  1.000 24.609 0 5   A   AAA C4    1 ? 
ATOM   110 P P     . A   A 1 6  ? -8.089  -7.960  1.928   1.000 28.716 0 6   A   AAA P     1 ? 
ATOM   111 O OP1   . A   A 1 6  ? -7.514  -8.909  3.016   1.000 36.155 0 6   A   AAA OP1   1 ? 
ATOM   112 O OP2   . A   A 1 6  ? -7.667  -6.532  2.093   1.000 25.779 0 6   A   AAA OP2   1 ? 
ATOM   113 O "O5'" . A   A 1 6  ? -7.462  -8.414  0.547   1.000 24.192 0 6   A   AAA "O5'" 1 ? 
ATOM   114 C "C5'" . A   A 1 6  ? -7.586  -9.800  0.161   1.000 24.923 0 6   A   AAA "C5'" 1 ? 
ATOM   115 C "C4'" . A   A 1 6  ? -7.285  -9.968  -1.302  1.000 23.689 0 6   A   AAA "C4'" 1 ? 
ATOM   116 O "O4'" . A   A 1 6  ? -8.177  -9.150  -2.092  1.000 26.172 0 6   A   AAA "O4'" 1 ? 
ATOM   117 C "C3'" . A   A 1 6  ? -5.896  -9.535  -1.766  1.000 25.930 0 6   A   AAA "C3'" 1 ? 
ATOM   118 O "O3'" . A   A 1 6  ? -4.981  -10.572 -1.419  1.000 27.657 0 6   A   AAA "O3'" 1 ? 
ATOM   119 C "C2'" . A   A 1 6  ? -6.129  -9.454  -3.267  1.000 23.513 0 6   A   AAA "C2'" 1 ? 
ATOM   120 O "O2'" . A   A 1 6  ? -6.104  -10.713 -3.881  1.000 25.929 0 6   A   AAA "O2'" 1 ? 
ATOM   121 C "C1'" . A   A 1 6  ? -7.539  -8.859  -3.315  1.000 25.866 0 6   A   AAA "C1'" 1 ? 
ATOM   122 N N9    . A   A 1 6  ? -7.529  -7.410  -3.439  1.000 24.561 0 6   A   AAA N9    1 ? 
ATOM   123 C C8    . A   A 1 6  ? -7.623  -6.501  -2.423  1.000 25.770 0 6   A   AAA C8    1 ? 
ATOM   124 N N7    . A   A 1 6  ? -7.505  -5.257  -2.807  1.000 25.478 0 6   A   AAA N7    1 ? 
ATOM   125 C C5    . A   A 1 6  ? -7.298  -5.375  -4.171  1.000 23.702 0 6   A   AAA C5    1 ? 
ATOM   126 C C6    . A   A 1 6  ? -7.145  -4.390  -5.162  1.000 26.775 0 6   A   AAA C6    1 ? 
ATOM   127 N N6    . A   A 1 6  ? -7.130  -3.108  -4.861  1.000 28.038 0 6   A   AAA N6    1 ? 
ATOM   128 N N1    . A   A 1 6  ? -6.987  -4.801  -6.440  1.000 25.245 0 6   A   AAA N1    1 ? 
ATOM   129 C C2    . A   A 1 6  ? -6.993  -6.110  -6.712  1.000 28.022 0 6   A   AAA C2    1 ? 
ATOM   130 N N3    . A   A 1 6  ? -7.173  -7.125  -5.852  1.000 28.216 0 6   A   AAA N3    1 ? 
ATOM   131 C C4    . A   A 1 6  ? -7.302  -6.680  -4.592  1.000 24.570 0 6   A   AAA C4    1 ? 
ATOM   132 P P     . G   A 1 7  ? -3.433  -10.183 -1.333  1.000 30.356 0 7   G   AAA P     1 ? 
ATOM   133 O OP1   . G   A 1 7  ? -2.590  -11.420 -0.953  1.000 31.805 0 7   G   AAA OP1   1 ? 
ATOM   134 O OP2   . G   A 1 7  ? -3.147  -8.821  -0.723  1.000 26.904 0 7   G   AAA OP2   1 ? 
ATOM   135 O "O5'" . G   A 1 7  ? -3.239  -10.044 -2.918  1.000 31.052 0 7   G   AAA "O5'" 1 ? 
ATOM   136 C "C5'" . G   A 1 7  ? -2.171  -9.250  -3.297  1.000 26.123 0 7   G   AAA "C5'" 1 ? 
ATOM   137 C "C4'" . G   A 1 7  ? -2.184  -9.175  -4.787  1.000 23.133 0 7   G   AAA "C4'" 1 ? 
ATOM   138 O "O4'" . G   A 1 7  ? -3.448  -8.608  -5.203  1.000 23.251 0 7   G   AAA "O4'" 1 ? 
ATOM   139 C "C3'" . G   A 1 7  ? -1.114  -8.246  -5.325  1.000 22.238 0 7   G   AAA "C3'" 1 ? 
ATOM   140 O "O3'" . G   A 1 7  ? 0.104   -8.975  -5.426  1.000 22.535 0 7   G   AAA "O3'" 1 ? 
ATOM   141 C "C2'" . G   A 1 7  ? -1.763  -7.862  -6.658  1.000 21.472 0 7   G   AAA "C2'" 1 ? 
ATOM   142 O "O2'" . G   A 1 7  ? -1.571  -8.912  -7.582  1.000 21.780 0 7   G   AAA "O2'" 1 ? 
ATOM   143 C "C1'" . G   A 1 7  ? -3.220  -7.664  -6.240  1.000 20.554 0 7   G   AAA "C1'" 1 ? 
ATOM   144 N N9    . G   A 1 7  ? -3.492  -6.322  -5.743  1.000 20.755 0 7   G   AAA N9    1 ? 
ATOM   145 C C8    . G   A 1 7  ? -3.772  -5.903  -4.472  1.000 20.563 0 7   G   AAA C8    1 ? 
ATOM   146 N N7    . G   A 1 7  ? -3.936  -4.608  -4.367  1.000 21.658 0 7   G   AAA N7    1 ? 
ATOM   147 C C5    . G   A 1 7  ? -3.756  -4.147  -5.659  1.000 19.800 0 7   G   AAA C5    1 ? 
ATOM   148 C C6    . G   A 1 7  ? -3.835  -2.826  -6.184  1.000 19.620 0 7   G   AAA C6    1 ? 
ATOM   149 O O6    . G   A 1 7  ? -4.077  -1.772  -5.600  1.000 23.414 0 7   G   AAA O6    1 ? 
ATOM   150 N N1    . G   A 1 7  ? -3.527  -2.821  -7.547  1.000 19.552 0 7   G   AAA N1    1 ? 
ATOM   151 C C2    . G   A 1 7  ? -3.340  -3.925  -8.327  1.000 21.060 0 7   G   AAA C2    1 ? 
ATOM   152 N N2    . G   A 1 7  ? -3.063  -3.699  -9.614  1.000 20.764 0 7   G   AAA N2    1 ? 
ATOM   153 N N3    . G   A 1 7  ? -3.249  -5.171  -7.847  1.000 20.128 0 7   G   AAA N3    1 ? 
ATOM   154 C C4    . G   A 1 7  ? -3.483  -5.193  -6.509  1.000 20.477 0 7   G   AAA C4    1 ? 
ATOM   155 P P     . U   A 1 8  ? 1.472   -8.202  -5.122  1.000 24.953 0 8   U   AAA P     1 ? 
ATOM   156 O OP1   . U   A 1 8  ? 2.517   -9.258  -5.278  1.000 28.161 0 8   U   AAA OP1   1 ? 
ATOM   157 O OP2   . U   A 1 8  ? 1.362   -7.489  -3.836  1.000 26.367 0 8   U   AAA OP2   1 ? 
ATOM   158 O "O5'" . U   A 1 8  ? 1.481   -7.076  -6.233  1.000 24.915 0 8   U   AAA "O5'" 1 ? 
ATOM   159 C "C5'" . U   A 1 8  ? 1.674   -7.396  -7.607  1.000 22.957 0 8   U   AAA "C5'" 1 ? 
ATOM   160 C "C4'" . U   A 1 8  ? 1.495   -6.124  -8.400  1.000 23.456 0 8   U   AAA "C4'" 1 ? 
ATOM   161 O "O4'" . U   A 1 8  ? 0.182   -5.556  -8.171  1.000 23.576 0 8   U   AAA "O4'" 1 ? 
ATOM   162 C "C3'" . U   A 1 8  ? 2.480   -4.990  -8.092  1.000 25.199 0 8   U   AAA "C3'" 1 ? 
ATOM   163 O "O3'" . U   A 1 8  ? 3.678   -5.241  -8.810  1.000 27.717 0 8   U   AAA "O3'" 1 ? 
ATOM   164 C "C2'" . U   A 1 8  ? 1.698   -3.793  -8.627  1.000 23.714 0 8   U   AAA "C2'" 1 ? 
ATOM   165 O "O2'" . U   A 1 8  ? 1.711   -3.704  -10.040 1.000 27.812 0 8   U   AAA "O2'" 1 ? 
ATOM   166 C "C1'" . U   A 1 8  ? 0.274   -4.142  -8.180  1.000 23.857 0 8   U   AAA "C1'" 1 ? 
ATOM   167 N N1    . U   A 1 8  ? -0.085  -3.620  -6.841  1.000 21.252 0 8   U   AAA N1    1 ? 
ATOM   168 C C2    . U   A 1 8  ? -0.435  -2.281  -6.787  1.000 22.611 0 8   U   AAA C2    1 ? 
ATOM   169 O O2    . U   A 1 8  ? -0.399  -1.544  -7.776  1.000 25.263 0 8   U   AAA O2    1 ? 
ATOM   170 N N3    . U   A 1 8  ? -0.791  -1.853  -5.532  1.000 22.105 0 8   U   AAA N3    1 ? 
ATOM   171 C C4    . U   A 1 8  ? -0.810  -2.588  -4.354  1.000 22.458 0 8   U   AAA C4    1 ? 
ATOM   172 O O4    . U   A 1 8  ? -1.178  -2.066  -3.295  1.000 26.215 0 8   U   AAA O4    1 ? 
ATOM   173 C C5    . U   A 1 8  ? -0.453  -3.974  -4.502  1.000 21.590 0 8   U   AAA C5    1 ? 
ATOM   174 C C6    . U   A 1 8  ? -0.092  -4.424  -5.708  1.000 22.383 0 8   U   AAA C6    1 ? 
ATOM   175 P P     . U   A 1 9  ? 5.007   -4.472  -8.313  1.000 26.500 0 9   U   AAA P     1 ? 
ATOM   176 O OP1   . U   A 1 9  ? 6.141   -5.048  -9.131  1.000 31.267 0 9   U   AAA OP1   1 ? 
ATOM   177 O OP2   . U   A 1 9  ? 5.113   -4.534  -6.832  1.000 28.897 0 9   U   AAA OP2   1 ? 
ATOM   178 O "O5'" . U   A 1 9  ? 4.800   -2.965  -8.818  1.000 24.297 0 9   U   AAA "O5'" 1 ? 
ATOM   179 C "C5'" . U   A 1 9  ? 4.917   -2.609  -10.193 1.000 24.963 0 9   U   AAA "C5'" 1 ? 
ATOM   180 C "C4'" . U   A 1 9  ? 4.740   -1.113  -10.326 1.000 24.023 0 9   U   AAA "C4'" 1 ? 
ATOM   181 O "O4'" . U   A 1 9  ? 3.433   -0.696  -9.858  1.000 24.424 0 9   U   AAA "O4'" 1 ? 
ATOM   182 C "C3'" . U   A 1 9  ? 5.691   -0.243  -9.515  1.000 24.501 0 9   U   AAA "C3'" 1 ? 
ATOM   183 O "O3'" . U   A 1 9  ? 6.962   -0.159  -10.145 1.000 27.622 0 9   U   AAA "O3'" 1 ? 
ATOM   184 C "C2'" . U   A 1 9  ? 4.971   1.092   -9.635  1.000 26.049 0 9   U   AAA "C2'" 1 ? 
ATOM   185 O "O2'" . U   A 1 9  ? 5.143   1.659   -10.920 1.000 26.639 0 9   U   AAA "O2'" 1 ? 
ATOM   186 C "C1'" . U   A 1 9  ? 3.538   0.631   -9.404  1.000 26.823 0 9   U   AAA "C1'" 1 ? 
ATOM   187 N N1    . U   A 1 9  ? 3.084   0.608   -8.001  1.000 23.874 0 9   U   AAA N1    1 ? 
ATOM   188 C C2    . U   A 1 9  ? 2.685   1.815   -7.459  1.000 22.655 0 9   U   AAA C2    1 ? 
ATOM   189 O O2    . U   A 1 9  ? 2.768   2.859   -8.074  1.000 27.079 0 9   U   AAA O2    1 ? 
ATOM   190 N N3    . U   A 1 9  ? 2.172   1.732   -6.188  1.000 22.896 0 9   U   AAA N3    1 ? 
ATOM   191 C C4    . U   A 1 9  ? 2.043   0.588   -5.432  1.000 20.942 0 9   U   AAA C4    1 ? 
ATOM   192 O O4    . U   A 1 9  ? 1.517   0.662   -4.324  1.000 22.617 0 9   U   AAA O4    1 ? 
ATOM   193 C C5    . U   A 1 9  ? 2.488   -0.619  -6.052  1.000 21.781 0 9   U   AAA C5    1 ? 
ATOM   194 C C6    . U   A 1 9  ? 3.024   -0.561  -7.280  1.000 20.185 0 9   U   AAA C6    1 ? 
ATOM   195 P P     . C   A 1 10 ? 8.251   -0.219  -9.212  1.000 29.011 0 10  C   AAA P     1 ? 
ATOM   196 O OP1   . C   A 1 10 ? 9.525   -0.365  -10.090 1.000 31.964 0 10  C   AAA OP1   1 ? 
ATOM   197 O OP2   . C   A 1 10 ? 8.259   -1.116  -7.998  1.000 28.963 0 10  C   AAA OP2   1 ? 
ATOM   198 O "O5'" . C   A 1 10 ? 8.322   1.301   -8.651  1.000 28.353 0 10  C   AAA "O5'" 1 ? 
ATOM   199 C "C5'" . C   A 1 10 ? 8.444   2.417   -9.567  1.000 31.292 0 10  C   AAA "C5'" 1 ? 
ATOM   200 C "C4'" . C   A 1 10 ? 8.034   3.676   -8.850  1.000 28.755 0 10  C   AAA "C4'" 1 ? 
ATOM   201 O "O4'" . C   A 1 10 ? 6.614   3.560   -8.531  1.000 27.096 0 10  C   AAA "O4'" 1 ? 
ATOM   202 C "C3'" . C   A 1 10 ? 8.697   3.998   -7.502  1.000 30.272 0 10  C   AAA "C3'" 1 ? 
ATOM   203 O "O3'" . C   A 1 10 ? 9.969   4.626   -7.652  1.000 32.204 0 10  C   AAA "O3'" 1 ? 
ATOM   204 C "C2'" . C   A 1 10 ? 7.665   4.997   -6.970  1.000 26.847 0 10  C   AAA "C2'" 1 ? 
ATOM   205 O "O2'" . C   A 1 10 ? 7.710   6.264   -7.619  1.000 26.772 0 10  C   AAA "O2'" 1 ? 
ATOM   206 C "C1'" . C   A 1 10 ? 6.369   4.248   -7.317  1.000 26.849 0 10  C   AAA "C1'" 1 ? 
ATOM   207 N N1    . C   A 1 10 ? 5.941   3.282   -6.263  1.000 23.995 0 10  C   AAA N1    1 ? 
ATOM   208 C C2    . C   A 1 10 ? 5.211   3.839   -5.208  1.000 22.121 0 10  C   AAA C2    1 ? 
ATOM   209 O O2    . C   A 1 10 ? 4.932   5.054   -5.205  1.000 22.646 0 10  C   AAA O2    1 ? 
ATOM   210 N N3    . C   A 1 10 ? 4.784   3.010   -4.234  1.000 21.552 0 10  C   AAA N3    1 ? 
ATOM   211 C C4    . C   A 1 10 ? 5.068   1.714   -4.239  1.000 19.324 0 10  C   AAA C4    1 ? 
ATOM   212 N N4    . C   A 1 10 ? 4.590   0.991   -3.251  1.000 21.837 0 10  C   AAA N4    1 ? 
ATOM   213 C C5    . C   A 1 10 ? 5.816   1.113   -5.307  1.000 20.649 0 10  C   AAA C5    1 ? 
ATOM   214 C C6    . C   A 1 10 ? 6.233   1.944   -6.290  1.000 22.360 0 10  C   AAA C6    1 ? 
ATOM   215 P P     . U   A 1 11 ? 10.964  4.546   -6.404  1.000 36.104 0 11  U   AAA P     1 ? 
ATOM   216 O OP1   . U   A 1 11 ? 12.310  5.101   -6.858  1.000 45.819 0 11  U   AAA OP1   1 ? 
ATOM   217 O OP2   . U   A 1 11 ? 11.021  3.215   -5.667  1.000 36.121 0 11  U   AAA OP2   1 ? 
ATOM   218 O "O5'" . U   A 1 11 ? 10.424  5.492   -5.180  1.000 33.618 0 11  U   AAA "O5'" 1 ? 
ATOM   219 C "C5'" . U   A 1 11 ? 10.306  6.907   -5.333  1.000 36.446 0 11  U   AAA "C5'" 1 ? 
ATOM   220 C "C4'" . U   A 1 11 ? 9.495   7.442   -4.179  1.000 32.059 0 11  U   AAA "C4'" 1 ? 
ATOM   221 O "O4'" . U   A 1 11 ? 8.213   6.772   -4.095  1.000 30.897 0 11  U   AAA "O4'" 1 ? 
ATOM   222 C "C3'" . U   A 1 11 ? 10.052  7.241   -2.763  1.000 33.339 0 11  U   AAA "C3'" 1 ? 
ATOM   223 O "O3'" . U   A 1 11 ? 11.162  8.110   -2.551  1.000 31.734 0 11  U   AAA "O3'" 1 ? 
ATOM   224 C "C2'" . U   A 1 11 ? 8.792   7.642   -1.990  1.000 29.412 0 11  U   AAA "C2'" 1 ? 
ATOM   225 O "O2'" . U   A 1 11 ? 8.531   9.005   -2.212  1.000 33.638 0 11  U   AAA "O2'" 1 ? 
ATOM   226 C "C1'" . U   A 1 11 ? 7.715   6.909   -2.770  1.000 30.249 0 11  U   AAA "C1'" 1 ? 
ATOM   227 N N1    . U   A 1 11 ? 7.371   5.606   -2.199  1.000 26.802 0 11  U   AAA N1    1 ? 
ATOM   228 C C2    . U   A 1 11 ? 6.568   5.615   -1.055  1.000 24.075 0 11  U   AAA C2    1 ? 
ATOM   229 O O2    . U   A 1 11 ? 6.218   6.660   -0.521  1.000 33.302 0 11  U   AAA O2    1 ? 
ATOM   230 N N3    . U   A 1 11 ? 6.243   4.387   -0.593  1.000 26.120 0 11  U   AAA N3    1 ? 
ATOM   231 C C4    . U   A 1 11 ? 6.561   3.165   -1.119  1.000 22.596 0 11  U   AAA C4    1 ? 
ATOM   232 O O4    . U   A 1 11 ? 6.213   2.142   -0.555  1.000 32.209 0 11  U   AAA O4    1 ? 
ATOM   233 C C5    . U   A 1 11 ? 7.445   3.229   -2.254  1.000 25.663 0 11  U   AAA C5    1 ? 
ATOM   234 C C6    . U   A 1 11 ? 7.778   4.424   -2.745  1.000 23.772 0 11  U   AAA C6    1 ? 
ATOM   235 P P     . U   A 1 12 ? 12.212  7.680   -1.403  1.000 31.442 0 12  U   AAA P     1 ? 
ATOM   236 O OP1   . U   A 1 12 ? 13.394  8.619   -1.518  1.000 35.313 0 12  U   AAA OP1   1 ? 
ATOM   237 O OP2   . U   A 1 12 ? 12.505  6.218   -1.307  1.000 33.018 0 12  U   AAA OP2   1 ? 
ATOM   238 O "O5'" . U   A 1 12 ? 11.493  7.991   0.022   1.000 29.067 0 12  U   AAA "O5'" 1 ? 
ATOM   239 C "C5'" . U   A 1 12 ? 11.239  9.341   0.403   1.000 29.747 0 12  U   AAA "C5'" 1 ? 
ATOM   240 C "C4'" . U   A 1 12 ? 10.452  9.299   1.684   1.000 27.694 0 12  U   AAA "C4'" 1 ? 
ATOM   241 O "O4'" . U   A 1 12 ? 9.174   8.617   1.493   1.000 27.206 0 12  U   AAA "O4'" 1 ? 
ATOM   242 C "C3'" . U   A 1 12 ? 11.086  8.512   2.831   1.000 27.751 0 12  U   AAA "C3'" 1 ? 
ATOM   243 O "O3'" . U   A 1 12 ? 12.116  9.330   3.358   1.000 29.029 0 12  U   AAA "O3'" 1 ? 
ATOM   244 C "C2'" . U   A 1 12 ? 9.875   8.366   3.745   1.000 28.602 0 12  U   AAA "C2'" 1 ? 
ATOM   245 O "O2'" . U   A 1 12 ? 9.561   9.632   4.292   1.000 29.705 0 12  U   AAA "O2'" 1 ? 
ATOM   246 C "C1'" . U   A 1 12 ? 8.821   7.981   2.700   1.000 25.190 0 12  U   AAA "C1'" 1 ? 
ATOM   247 N N1    . U   A 1 12 ? 8.702   6.541   2.448   1.000 27.384 0 12  U   AAA N1    1 ? 
ATOM   248 C C2    . U   A 1 12 ? 7.946   5.849   3.357   1.000 25.878 0 12  U   AAA C2    1 ? 
ATOM   249 O O2    . U   A 1 12 ? 7.450   6.398   4.322   1.000 27.556 0 12  U   AAA O2    1 ? 
ATOM   250 N N3    . U   A 1 12 ? 7.813   4.522   3.104   1.000 25.520 0 12  U   AAA N3    1 ? 
ATOM   251 C C4    . U   A 1 12 ? 8.337   3.830   2.033   1.000 23.213 0 12  U   AAA C4    1 ? 
ATOM   252 O O4    . U   A 1 12 ? 8.121   2.631   1.953   1.000 26.668 0 12  U   AAA O4    1 ? 
ATOM   253 C C5    . U   A 1 12 ? 9.153   4.597   1.150   1.000 22.836 0 12  U   AAA C5    1 ? 
ATOM   254 C C6    . U   A 1 12 ? 9.281   5.916   1.365   1.000 22.829 0 12  U   AAA C6    1 ? 
ATOM   255 P P     . C   A 1 13 ? 13.335  8.503   4.019   1.000 31.737 0 13  C   AAA P     1 ? 
ATOM   256 O OP1   . C   A 1 13 ? 14.471  9.480   4.300   1.000 32.354 0 13  C   AAA OP1   1 ? 
ATOM   257 O OP2   . C   A 1 13 ? 13.752  7.281   3.203   1.000 33.400 0 13  C   AAA OP2   1 ? 
ATOM   258 O "O5'" . C   A 1 13 ? 12.866  7.877   5.390   1.000 27.750 0 13  C   AAA "O5'" 1 ? 
ATOM   259 C "C5'" . C   A 1 13 ? 12.414  8.773   6.397   1.000 26.345 0 13  C   AAA "C5'" 1 ? 
ATOM   260 C "C4'" . C   A 1 13 ? 11.722  8.011   7.497   1.000 24.849 0 13  C   AAA "C4'" 1 ? 
ATOM   261 O "O4'" . C   A 1 13 ? 10.521  7.376   6.981   1.000 30.186 0 13  C   AAA "O4'" 1 ? 
ATOM   262 C "C3'" . C   A 1 13 ? 12.510  6.845   8.123   1.000 27.080 0 13  C   AAA "C3'" 1 ? 
ATOM   263 O "O3'" . C   A 1 13 ? 13.365  7.228   9.197   1.000 24.504 0 13  C   AAA "O3'" 1 ? 
ATOM   264 C "C2'" . C   A 1 13 ? 11.366  6.071   8.773   1.000 25.642 0 13  C   AAA "C2'" 1 ? 
ATOM   265 O "O2'" . C   A 1 13 ? 10.831  6.668   9.927   1.000 31.395 0 13  C   AAA "O2'" 1 ? 
ATOM   266 C "C1'" . C   A 1 13 ? 10.265  6.198   7.719   1.000 28.884 0 13  C   AAA "C1'" 1 ? 
ATOM   267 N N1    . C   A 1 13 ? 10.235  5.040   6.785   1.000 26.308 0 13  C   AAA N1    1 ? 
ATOM   268 C C2    . C   A 1 13 ? 9.546   3.888   7.210   1.000 21.410 0 13  C   AAA C2    1 ? 
ATOM   269 O O2    . C   A 1 13 ? 9.012   3.868   8.339   1.000 28.851 0 13  C   AAA O2    1 ? 
ATOM   270 N N3    . C   A 1 13 ? 9.532   2.815   6.394   1.000 24.176 0 13  C   AAA N3    1 ? 
ATOM   271 C C4    . C   A 1 13 ? 10.131  2.868   5.197   1.000 21.634 0 13  C   AAA C4    1 ? 
ATOM   272 N N4    . C   A 1 13 ? 10.047  1.816   4.422   1.000 27.533 0 13  C   AAA N4    1 ? 
ATOM   273 C C5    . C   A 1 13 ? 10.838  4.033   4.741   1.000 25.716 0 13  C   AAA C5    1 ? 
ATOM   274 C C6    . C   A 1 13 ? 10.892  5.068   5.596   1.000 21.683 0 13  C   AAA C6    1 ? 
ATOM   275 P P     . U   A 1 14 ? 14.706  6.349   9.429   1.000 25.372 0 14  U   AAA P     1 ? 
ATOM   276 O OP1   . U   A 1 14 ? 15.704  7.150   10.295  1.000 27.321 0 14  U   AAA OP1   1 ? 
ATOM   277 O OP2   . U   A 1 14 ? 15.285  5.763   8.207   1.000 24.886 0 14  U   AAA OP2   1 ? 
ATOM   278 O "O5'" . U   A 1 14 ? 14.220  5.048   10.272  1.000 22.219 0 14  U   AAA "O5'" 1 ? 
ATOM   279 C "C5'" . U   A 1 14 ? 13.743  5.211   11.616  1.000 21.815 0 14  U   AAA "C5'" 1 ? 
ATOM   280 C "C4'" . U   A 1 14 ? 13.151  3.910   12.061  1.000 20.928 0 14  U   AAA "C4'" 1 ? 
ATOM   281 O "O4'" . U   A 1 14 ? 12.052  3.562   11.182  1.000 21.449 0 14  U   AAA "O4'" 1 ? 
ATOM   282 C "C3'" . U   A 1 14 ? 14.028  2.654   12.054  1.000 22.486 0 14  U   AAA "C3'" 1 ? 
ATOM   283 O "O3'" . U   A 1 14 ? 14.896  2.714   13.171  1.000 21.980 0 14  U   AAA "O3'" 1 ? 
ATOM   284 C "C2'" . U   A 1 14 ? 12.918  1.605   12.198  1.000 23.060 0 14  U   AAA "C2'" 1 ? 
ATOM   285 O "O2'" . U   A 1 14 ? 12.389  1.604   13.522  1.000 22.420 0 14  U   AAA "O2'" 1 ? 
ATOM   286 C "C1'" . U   A 1 14 ? 11.916  2.140   11.181  1.000 22.360 0 14  U   AAA "C1'" 1 ? 
ATOM   287 N N1    . U   A 1 14 ? 12.130  1.645   9.811   1.000 21.073 0 14  U   AAA N1    1 ? 
ATOM   288 C C2    . U   A 1 14 ? 11.672  0.371   9.486   1.000 21.544 0 14  U   AAA C2    1 ? 
ATOM   289 O O2    . U   A 1 14 ? 11.187  -0.398  10.298  1.000 21.893 0 14  U   AAA O2    1 ? 
ATOM   290 N N3    . U   A 1 14 ? 11.830  0.013   8.174   1.000 19.986 0 14  U   AAA N3    1 ? 
ATOM   291 C C4    . U   A 1 14 ? 12.407  0.758   7.176   1.000 21.072 0 14  U   AAA C4    1 ? 
ATOM   292 O O4    . U   A 1 14 ? 12.473  0.280   6.049   1.000 22.554 0 14  U   AAA O4    1 ? 
ATOM   293 C C5    . U   A 1 14 ? 12.848  2.061   7.573   1.000 20.984 0 14  U   AAA C5    1 ? 
ATOM   294 C C6    . U   A 1 14 ? 12.674  2.458   8.847   1.000 20.586 0 14  U   AAA C6    1 ? 
ATOM   295 P P     . C   A 1 15 ? 16.252  1.844   13.229  1.000 22.904 0 15  C   AAA P     1 ? 
ATOM   296 O OP1   . C   A 1 15 ? 17.051  2.296   14.414  1.000 25.219 0 15  C   AAA OP1   1 ? 
ATOM   297 O OP2   . C   A 1 15 ? 16.894  1.811   11.862  1.000 23.660 0 15  C   AAA OP2   1 ? 
ATOM   298 O "O5'" . C   A 1 15 ? 15.792  0.327   13.458  1.000 22.897 0 15  C   AAA "O5'" 1 ? 
ATOM   299 C "C5'" . C   A 1 15 ? 15.253  -0.144  14.722  1.000 23.232 0 15  C   AAA "C5'" 1 ? 
ATOM   300 C "C4'" . C   A 1 15 ? 14.671  -1.514  14.462  1.000 22.765 0 15  C   AAA "C4'" 1 ? 
ATOM   301 O "O4'" . C   A 1 15 ? 13.737  -1.452  13.373  1.000 22.755 0 15  C   AAA "O4'" 1 ? 
ATOM   302 C "C3'" . C   A 1 15 ? 15.650  -2.601  14.012  1.000 23.258 0 15  C   AAA "C3'" 1 ? 
ATOM   303 O "O3'" . C   A 1 15 ? 16.265  -3.142  15.166  1.000 24.558 0 15  C   AAA "O3'" 1 ? 
ATOM   304 C "C2'" . C   A 1 15 ? 14.688  -3.617  13.414  1.000 23.129 0 15  C   AAA "C2'" 1 ? 
ATOM   305 O "O2'" . C   A 1 15 ? 13.834  -4.265  14.348  1.000 25.211 0 15  C   AAA "O2'" 1 ? 
ATOM   306 C "C1'" . C   A 1 15 ? 13.767  -2.673  12.647  1.000 24.116 0 15  C   AAA "C1'" 1 ? 
ATOM   307 N N1    . C   A 1 15 ? 14.161  -2.393  11.248  1.000 21.899 0 15  C   AAA N1    1 ? 
ATOM   308 C C2    . C   A 1 15 ? 13.829  -3.330  10.260  1.000 25.408 0 15  C   AAA C2    1 ? 
ATOM   309 O O2    . C   A 1 15 ? 13.325  -4.410  10.608  1.000 23.313 0 15  C   AAA O2    1 ? 
ATOM   310 N N3    . C   A 1 15 ? 14.115  -3.042  8.967   1.000 22.293 0 15  C   AAA N3    1 ? 
ATOM   311 C C4    . C   A 1 15 ? 14.645  -1.857  8.616   1.000 22.196 0 15  C   AAA C4    1 ? 
ATOM   312 N N4    . C   A 1 15 ? 14.905  -1.617  7.347   1.000 22.455 0 15  C   AAA N4    1 ? 
ATOM   313 C C5    . C   A 1 15 ? 14.975  -0.905  9.602   1.000 22.737 0 15  C   AAA C5    1 ? 
ATOM   314 C C6    . C   A 1 15 ? 14.734  -1.217  10.880  1.000 23.855 0 15  C   AAA C6    1 ? 
ATOM   315 P P     . U   A 1 16 ? 17.771  -3.628  14.942  1.000 25.342 0 16  U   AAA P     1 ? 
ATOM   316 O OP1   . U   A 1 16 ? 18.331  -4.028  16.289  1.000 29.438 0 16  U   AAA OP1   1 ? 
ATOM   317 O OP2   . U   A 1 16 ? 18.547  -2.552  14.197  1.000 26.823 0 16  U   AAA OP2   1 ? 
ATOM   318 O "O5'" . U   A 1 16 ? 17.632  -4.901  13.970  1.000 25.567 0 16  U   AAA "O5'" 1 ? 
ATOM   319 C "C5'" . U   A 1 16 ? 17.120  -6.122  14.511  1.000 23.349 0 16  U   AAA "C5'" 1 ? 
ATOM   320 C "C4'" . U   A 1 16 ? 17.020  -7.141  13.411  1.000 24.521 0 16  U   AAA "C4'" 1 ? 
ATOM   321 O "O4'" . U   A 1 16 ? 16.096  -6.654  12.405  1.000 22.923 0 16  U   AAA "O4'" 1 ? 
ATOM   322 C "C3'" . U   A 1 16 ? 18.286  -7.477  12.627  1.000 23.125 0 16  U   AAA "C3'" 1 ? 
ATOM   323 O "O3'" . U   A 1 16 ? 19.072  -8.432  13.341  1.000 24.621 0 16  U   AAA "O3'" 1 ? 
ATOM   324 C "C2'" . U   A 1 16 ? 17.663  -8.071  11.369  1.000 22.508 0 16  U   AAA "C2'" 1 ? 
ATOM   325 O "O2'" . U   A 1 16 ? 17.171  -9.392  11.538  1.000 26.615 0 16  U   AAA "O2'" 1 ? 
ATOM   326 C "C1'" . U   A 1 16 ? 16.479  -7.141  11.134  1.000 21.957 0 16  U   AAA "C1'" 1 ? 
ATOM   327 N N1    . U   A 1 16 ? 16.821  -6.001  10.229  1.000 19.968 0 16  U   AAA N1    1 ? 
ATOM   328 C C2    . U   A 1 16 ? 16.777  -6.247  8.865   1.000 22.275 0 16  U   AAA C2    1 ? 
ATOM   329 O O2    . U   A 1 16 ? 16.522  -7.343  8.376   1.000 23.848 0 16  U   AAA O2    1 ? 
ATOM   330 N N3    . U   A 1 16 ? 17.092  -5.151  8.097   1.000 19.974 0 16  U   AAA N3    1 ? 
ATOM   331 C C4    . U   A 1 16 ? 17.441  -3.884  8.500   1.000 18.602 0 16  U   AAA C4    1 ? 
ATOM   332 O O4    . U   A 1 16 ? 17.701  -2.998  7.667   1.000 19.738 0 16  U   AAA O4    1 ? 
ATOM   333 C C5    . U   A 1 16 ? 17.454  -3.714  9.921   1.000 18.563 0 16  U   AAA C5    1 ? 
ATOM   334 C C6    . U   A 1 16 ? 17.156  -4.766  10.713  1.000 20.897 0 16  U   AAA C6    1 ? 
HETATM 335 O O     . HOH B 2 .  ? -3.686  -6.847  -1.068  1.000 34.691 0 101 HOH AAA O     1 ? 
HETATM 336 O O     . HOH B 2 .  ? 6.802   0.142   -0.783  1.000 43.961 0 102 HOH AAA O     1 ? 
HETATM 337 O O     . HOH B 2 .  ? -2.429  -13.102 -2.353  0.330 33.838 0 103 HOH AAA O     1 ? 
HETATM 338 O O     . HOH B 2 .  ? 13.883  -4.464  16.584  0.500 43.778 0 104 HOH AAA O     1 ? 
HETATM 339 O O     . HOH B 2 .  ? 13.780  1.203   4.141   1.000 37.151 0 105 HOH AAA O     1 ? 
HETATM 340 O O     . HOH B 2 .  ? -4.967  -1.014  -3.357  1.000 43.169 0 106 HOH AAA O     1 ? 
HETATM 341 O O     . HOH B 2 .  ? 3.926   3.881   -11.058 1.000 38.331 0 107 HOH AAA O     1 ? 
HETATM 342 O O     . HOH B 2 .  ? -0.533  -12.376 0.289   1.000 41.001 0 108 HOH AAA O     1 ? 
HETATM 343 O O     . HOH B 2 .  ? 9.549   1.059   0.469   1.000 46.703 0 109 HOH AAA O     1 ? 
HETATM 344 O O     . HOH B 2 .  ? -20.322 8.257   -4.985  1.000 48.408 0 110 HOH AAA O     1 ? 
HETATM 345 O O     . HOH B 2 .  ? 18.784  -0.660  8.183   1.000 34.557 0 111 HOH AAA O     1 ? 
HETATM 346 O O     . HOH B 2 .  ? 21.225  -9.202  12.040  1.000 44.421 0 112 HOH AAA O     1 ? 
HETATM 347 O O     . HOH B 2 .  ? -10.760 -0.718  1.208   1.000 44.293 0 113 HOH AAA O     1 ? 
HETATM 348 O O     . HOH B 2 .  ? 2.798   -5.428  -2.934  1.000 30.763 0 114 HOH AAA O     1 ? 
HETATM 349 O O     . HOH B 2 .  ? 9.387   -0.415  -5.662  1.000 46.407 0 115 HOH AAA O     1 ? 
HETATM 350 O O     . HOH B 2 .  ? 1.507   -0.973  -2.163  1.000 34.568 0 116 HOH AAA O     1 ? 
HETATM 351 O O     . HOH B 2 .  ? -10.086 -1.268  -1.667  1.000 43.294 0 117 HOH AAA O     1 ? 
HETATM 352 O O     . HOH B 2 .  ? 0.081   -11.033 -7.953  1.000 32.727 0 118 HOH AAA O     1 ? 
HETATM 353 O O     . HOH B 2 .  ? 17.592  8.711   11.465  1.000 47.625 0 119 HOH AAA O     1 ? 
HETATM 354 O O     . HOH B 2 .  ? 19.825  -8.346  15.960  1.000 41.042 0 120 HOH AAA O     1 ? 
HETATM 355 O O     . HOH B 2 .  ? -4.248  -2.977  -2.199  1.000 34.122 0 121 HOH AAA O     1 ? 
HETATM 356 O O     . HOH B 2 .  ? -13.642 4.920   -3.732  1.000 33.472 0 122 HOH AAA O     1 ? 
HETATM 357 O O     . HOH B 2 .  ? 12.006  8.369   11.738  0.330 26.085 0 123 HOH AAA O     1 ? 
HETATM 358 O O     . HOH B 2 .  ? -4.629  -12.936 -3.195  0.330 30.826 0 124 HOH AAA O     1 ? 
HETATM 359 O O     . HOH B 2 .  ? 12.830  5.091   1.798   1.000 35.416 0 125 HOH AAA O     1 ? 
HETATM 360 O O     . HOH B 2 .  ? 0.367   -1.416  -10.814 1.000 34.677 0 126 HOH AAA O     1 ? 
HETATM 361 O O     . HOH B 2 .  ? -13.500 5.811   -8.339  1.000 53.041 0 127 HOH AAA O     1 ? 
HETATM 362 O O     . HOH B 2 .  ? 16.535  -4.991  18.191  1.000 50.104 0 128 HOH AAA O     1 ? 
HETATM 363 O O     . HOH B 2 .  ? 6.587   -2.201  -6.036  1.000 32.826 0 129 HOH AAA O     1 ? 
HETATM 364 O O     . HOH B 2 .  ? 16.223  0.811   6.796   1.000 32.678 0 130 HOH AAA O     1 ? 
HETATM 365 O O     . HOH B 2 .  ? -9.672  -9.044  4.836   1.000 39.229 0 131 HOH AAA O     1 ? 
HETATM 366 O O     . HOH B 2 .  ? 18.410  -0.890  11.905  1.000 35.880 0 132 HOH AAA O     1 ? 
HETATM 367 O O     . HOH B 2 .  ? 12.965  2.834   16.015  1.000 28.717 0 133 HOH AAA O     1 ? 
HETATM 368 O O     . HOH B 2 .  ? -15.271 4.336   -7.344  1.000 36.360 0 134 HOH AAA O     1 ? 
HETATM 369 O O     . HOH B 2 .  ? 14.713  8.165   12.774  0.330 24.795 0 135 HOH AAA O     1 ? 
HETATM 370 O O     . HOH B 2 .  ? 3.310   -3.509  -4.840  1.000 32.407 0 136 HOH AAA O     1 ? 
HETATM 371 O O     . HOH B 2 .  ? -16.567 1.598   -8.167  1.000 28.645 0 137 HOH AAA O     1 ? 
HETATM 372 O O     . HOH B 2 .  ? -7.307  -2.664  -1.541  1.000 48.736 0 138 HOH AAA O     1 ? 
HETATM 373 O O     . HOH B 2 .  ? 13.821  8.482   -4.381  1.000 53.298 0 139 HOH AAA O     1 ? 
HETATM 374 O O     . HOH B 2 .  ? -16.759 2.530   5.290   1.000 38.345 0 140 HOH AAA O     1 ? 
HETATM 375 O O     . HOH B 2 .  ? 15.426  3.789   16.318  1.000 42.270 0 141 HOH AAA O     1 ? 
HETATM 376 O O     . HOH B 2 .  ? -8.652  -4.009  0.971   1.000 47.287 0 142 HOH AAA O     1 ? 
HETATM 377 O O     . HOH B 2 .  ? 14.444  4.912   5.498   1.000 34.234 0 143 HOH AAA O     1 ? 
HETATM 378 O O     . HOH B 2 .  ? 4.875   -1.969  -3.000  1.000 37.867 0 144 HOH AAA O     1 ? 
HETATM 379 O O     . HOH B 2 .  ? -10.472 -0.371  5.061   1.000 47.916 0 145 HOH AAA O     1 ? 
HETATM 380 O O     . HOH B 2 .  ? 16.263  2.573   8.953   1.000 39.534 0 146 HOH AAA O     1 ? 
HETATM 381 O O     . HOH B 2 .  ? -14.005 2.562   -5.533  1.000 41.024 0 147 HOH AAA O     1 ? 
HETATM 382 O O     . HOH B 2 .  ? 17.733  4.624   6.496   1.000 46.073 0 148 HOH AAA O     1 ? 
HETATM 383 O O     . HOH B 2 .  ? -5.366  -5.067  0.313   1.000 49.121 0 149 HOH AAA O     1 ? 
HETATM 384 O O     . HOH B 2 .  ? 1.513   0.181   -12.461 1.000 34.974 0 150 HOH AAA O     1 ? 
HETATM 385 O O     . HOH B 2 .  ? -1.423  -5.184  -1.453  1.000 44.624 0 151 HOH AAA O     1 ? 
HETATM 386 O O     . HOH B 2 .  ? -18.636 -0.073  -11.017 1.000 48.352 0 152 HOH AAA O     1 ? 
HETATM 387 O O     . HOH B 2 .  ? -7.510  0.711   -3.338  1.000 54.975 0 153 HOH AAA O     1 ? 
HETATM 388 O O     . HOH B 2 .  ? -4.480  -1.628  0.722   1.000 59.901 0 154 HOH AAA O     1 ? 
HETATM 389 O O     . HOH B 2 .  ? 20.698  2.041   5.972   1.000 58.533 0 155 HOH AAA O     1 ? 
# 
